data_1QPA
#
_entry.id   1QPA
#
_cell.length_a   57.790
_cell.length_b   94.020
_cell.length_c   81.260
_cell.angle_alpha   90.00
_cell.angle_beta   106.47
_cell.angle_gamma   90.00
#
_symmetry.space_group_name_H-M   'P 1 21 1'
#
loop_
_entity.id
_entity.type
_entity.pdbx_description
1 polymer 'LIGNIN PEROXIDASE'
2 branched 2-acetamido-2-deoxy-beta-D-glucopyranose-(1-4)-[alpha-L-fucopyranose-(1-6)]2-acetamido-2-deoxy-beta-D-glucopyranose
3 branched alpha-D-mannopyranose-(1-4)-alpha-D-mannopyranose
4 non-polymer 2-acetamido-2-deoxy-beta-D-glucopyranose
5 non-polymer alpha-D-mannopyranose
6 non-polymer 'CALCIUM ION'
7 non-polymer 'PROTOPORPHYRIN IX CONTAINING FE'
8 water water
#
_entity_poly.entity_id   1
_entity_poly.type   'polypeptide(L)'
_entity_poly.pdbx_seq_one_letter_code
;VACPDGVHTASNAACCAWFPVLDDIQQNLFHGGQCGAEAHEALRMVFHDSIAISPKLQSQGKFGGGGADGSIITFSSIET
TYHPNIGLDEVVAIQKPFIAKHGVTPGDFIAFAGAVGVSNCPGAPQMQFFLGRPEATQAAPDGLVPEPFHTIDQVLARML
DAGGFDEIETV(HTR)LLSAHSIAAANDVDPTISGLPFDSTPGQFDSQFFVETQLRGTAFPGKTGIQGTVMSPLKGEMRL
QTDHLFARDSRTACEWQSFVNNQTKLQEDFQFIFTALSTLGHDMNAMIDCSEVIPAPKPVNFGPSFFPAGKTHADIEQAC
ASTPFPTLITAPGPSASVARIPPPPSPNW
;
_entity_poly.pdbx_strand_id   A,B
#
# COMPACT_ATOMS: atom_id res chain seq x y z
N VAL A 1 0.55 -9.30 -34.84
CA VAL A 1 -0.65 -9.10 -35.68
C VAL A 1 -1.44 -7.91 -35.13
N ALA A 2 -2.12 -7.25 -36.08
CA ALA A 2 -2.93 -6.10 -35.68
C ALA A 2 -4.30 -6.59 -35.25
N CYS A 3 -4.79 -6.12 -34.09
CA CYS A 3 -6.12 -6.56 -33.65
C CYS A 3 -7.14 -5.88 -34.51
N PRO A 4 -8.31 -6.45 -34.69
CA PRO A 4 -9.39 -5.76 -35.40
C PRO A 4 -9.69 -4.37 -34.84
N ASP A 5 -9.49 -4.09 -33.55
CA ASP A 5 -9.85 -2.83 -32.95
C ASP A 5 -8.97 -1.73 -33.53
N GLY A 6 -7.90 -1.89 -34.23
CA GLY A 6 -7.08 -0.88 -34.79
C GLY A 6 -6.14 -0.23 -33.77
N VAL A 7 -6.40 -0.48 -32.51
CA VAL A 7 -5.68 0.01 -31.36
C VAL A 7 -4.58 -0.90 -30.82
N HIS A 8 -4.86 -2.19 -30.63
CA HIS A 8 -3.87 -3.07 -30.02
C HIS A 8 -3.16 -4.00 -30.95
N THR A 9 -2.06 -4.56 -30.51
CA THR A 9 -1.37 -5.59 -31.33
C THR A 9 -1.15 -6.82 -30.45
N ALA A 10 -1.11 -8.03 -31.00
CA ALA A 10 -0.92 -9.21 -30.17
C ALA A 10 -0.20 -10.24 -31.03
N SER A 11 0.53 -11.12 -30.37
CA SER A 11 1.22 -12.15 -31.13
C SER A 11 0.17 -13.17 -31.46
N ASN A 12 -1.02 -13.29 -30.95
CA ASN A 12 -2.06 -14.22 -31.31
C ASN A 12 -3.36 -13.41 -31.33
N ALA A 13 -4.14 -13.52 -32.36
CA ALA A 13 -5.39 -12.79 -32.53
C ALA A 13 -6.32 -13.07 -31.38
N ALA A 14 -6.27 -14.24 -30.75
CA ALA A 14 -7.20 -14.54 -29.68
C ALA A 14 -6.96 -13.65 -28.45
N CYS A 15 -5.79 -13.10 -28.29
CA CYS A 15 -5.34 -12.25 -27.18
C CYS A 15 -5.93 -10.82 -27.18
N CYS A 16 -6.26 -10.30 -28.36
CA CYS A 16 -6.84 -9.00 -28.61
C CYS A 16 -7.97 -8.61 -27.67
N ALA A 17 -8.91 -9.52 -27.47
CA ALA A 17 -10.07 -9.22 -26.67
C ALA A 17 -9.74 -9.04 -25.18
N TRP A 18 -8.55 -9.39 -24.75
CA TRP A 18 -8.23 -9.27 -23.31
C TRP A 18 -7.76 -7.86 -22.96
N PHE A 19 -7.36 -7.02 -23.89
CA PHE A 19 -6.92 -5.63 -23.57
C PHE A 19 -8.03 -4.86 -22.93
N PRO A 20 -9.20 -4.81 -23.51
CA PRO A 20 -10.35 -4.17 -22.88
C PRO A 20 -10.70 -4.75 -21.53
N VAL A 21 -10.53 -6.05 -21.27
CA VAL A 21 -10.87 -6.68 -19.97
C VAL A 21 -9.82 -6.13 -18.98
N LEU A 22 -8.59 -6.04 -19.32
CA LEU A 22 -7.54 -5.51 -18.46
C LEU A 22 -7.87 -4.10 -17.96
N ASP A 23 -8.15 -3.18 -18.88
CA ASP A 23 -8.47 -1.78 -18.50
C ASP A 23 -9.65 -1.73 -17.60
N ASP A 24 -10.72 -2.44 -17.86
CA ASP A 24 -11.91 -2.49 -17.06
C ASP A 24 -11.62 -2.99 -15.64
N ILE A 25 -10.95 -4.14 -15.51
CA ILE A 25 -10.72 -4.63 -14.13
C ILE A 25 -9.69 -3.81 -13.38
N GLN A 26 -8.69 -3.30 -14.02
CA GLN A 26 -7.67 -2.49 -13.30
C GLN A 26 -8.37 -1.32 -12.67
N GLN A 27 -9.22 -0.71 -13.47
CA GLN A 27 -9.99 0.43 -12.93
C GLN A 27 -11.09 0.13 -12.01
N ASN A 28 -11.99 -0.77 -12.26
CA ASN A 28 -13.19 -1.00 -11.52
C ASN A 28 -13.22 -2.16 -10.57
N LEU A 29 -12.32 -3.14 -10.74
CA LEU A 29 -12.38 -4.24 -9.78
C LEU A 29 -11.24 -4.03 -8.76
N PHE A 30 -10.09 -3.65 -9.25
CA PHE A 30 -8.93 -3.47 -8.38
C PHE A 30 -8.67 -2.01 -7.98
N HIS A 31 -9.63 -1.16 -8.26
CA HIS A 31 -9.71 0.26 -7.89
C HIS A 31 -8.44 1.04 -8.15
N GLY A 32 -7.93 0.96 -9.35
CA GLY A 32 -6.75 1.61 -9.81
C GLY A 32 -5.51 0.79 -9.62
N GLY A 33 -5.61 -0.50 -9.83
CA GLY A 33 -4.45 -1.39 -9.74
C GLY A 33 -3.98 -1.64 -8.31
N GLN A 34 -4.87 -1.83 -7.40
CA GLN A 34 -4.41 -2.03 -6.03
C GLN A 34 -4.25 -3.58 -5.80
N CYS A 35 -3.42 -3.91 -4.84
CA CYS A 35 -3.20 -5.20 -4.21
C CYS A 35 -4.00 -5.19 -2.91
N GLY A 36 -5.28 -5.05 -2.95
CA GLY A 36 -6.27 -4.88 -1.93
C GLY A 36 -7.22 -6.04 -1.78
N ALA A 37 -8.34 -5.95 -1.18
CA ALA A 37 -9.27 -7.00 -0.92
C ALA A 37 -9.64 -7.76 -2.21
N GLU A 38 -10.03 -7.09 -3.25
CA GLU A 38 -10.40 -7.68 -4.53
C GLU A 38 -9.25 -8.44 -5.13
N ALA A 39 -8.02 -8.03 -5.18
CA ALA A 39 -6.89 -8.72 -5.70
C ALA A 39 -6.68 -10.02 -4.88
N HIS A 40 -6.79 -9.95 -3.57
CA HIS A 40 -6.60 -11.13 -2.75
C HIS A 40 -7.74 -12.13 -3.04
N GLU A 41 -8.95 -11.72 -3.14
CA GLU A 41 -10.12 -12.52 -3.43
C GLU A 41 -9.93 -13.19 -4.81
N ALA A 42 -9.40 -12.56 -5.84
CA ALA A 42 -9.18 -13.02 -7.19
C ALA A 42 -8.19 -14.21 -7.11
N LEU A 43 -7.14 -14.11 -6.33
CA LEU A 43 -6.18 -15.20 -6.17
C LEU A 43 -6.80 -16.41 -5.47
N ARG A 44 -7.61 -16.23 -4.44
CA ARG A 44 -8.25 -17.32 -3.71
C ARG A 44 -9.20 -18.02 -4.71
N MET A 45 -9.92 -17.26 -5.54
CA MET A 45 -10.83 -17.81 -6.55
C MET A 45 -10.09 -18.80 -7.47
N VAL A 46 -8.90 -18.58 -7.93
CA VAL A 46 -8.10 -19.42 -8.80
C VAL A 46 -7.96 -20.81 -8.09
N PHE A 47 -7.60 -20.77 -6.82
CA PHE A 47 -7.38 -21.97 -6.02
C PHE A 47 -8.69 -22.71 -5.85
N HIS A 48 -9.80 -22.17 -5.44
CA HIS A 48 -11.03 -22.83 -5.18
C HIS A 48 -11.72 -23.33 -6.45
N ASP A 49 -11.43 -22.67 -7.54
CA ASP A 49 -11.93 -23.10 -8.84
C ASP A 49 -11.00 -24.28 -9.27
N SER A 50 -9.74 -24.24 -9.37
CA SER A 50 -8.78 -25.08 -9.93
C SER A 50 -8.49 -26.41 -9.22
N ILE A 51 -8.41 -26.44 -7.91
CA ILE A 51 -8.04 -27.65 -7.20
C ILE A 51 -9.23 -28.62 -7.14
N ALA A 52 -10.43 -28.28 -7.51
CA ALA A 52 -11.61 -29.13 -7.45
C ALA A 52 -11.60 -30.05 -8.68
N ILE A 53 -10.66 -30.99 -8.73
CA ILE A 53 -10.39 -32.04 -9.73
C ILE A 53 -9.82 -33.29 -9.01
N SER A 54 -10.26 -34.52 -9.33
CA SER A 54 -9.87 -35.74 -8.64
C SER A 54 -9.86 -36.99 -9.55
N PRO A 55 -8.69 -37.26 -10.03
CA PRO A 55 -8.44 -38.49 -10.84
C PRO A 55 -8.85 -39.73 -10.02
N LYS A 56 -8.61 -39.72 -8.72
CA LYS A 56 -9.07 -40.74 -7.81
C LYS A 56 -10.57 -40.85 -7.85
N LEU A 57 -11.41 -39.85 -7.78
CA LEU A 57 -12.84 -40.04 -7.87
C LEU A 57 -13.21 -40.50 -9.29
N GLN A 58 -12.62 -39.95 -10.32
CA GLN A 58 -12.90 -40.29 -11.72
C GLN A 58 -12.74 -41.79 -12.02
N SER A 59 -11.63 -42.26 -11.51
CA SER A 59 -11.25 -43.65 -11.63
C SER A 59 -12.31 -44.55 -10.97
N GLN A 60 -13.15 -44.17 -10.04
CA GLN A 60 -14.17 -44.93 -9.40
C GLN A 60 -15.51 -44.71 -10.08
N GLY A 61 -15.52 -44.11 -11.23
CA GLY A 61 -16.78 -43.83 -11.90
C GLY A 61 -17.56 -42.63 -11.40
N LYS A 62 -16.96 -41.76 -10.56
CA LYS A 62 -17.59 -40.52 -10.06
C LYS A 62 -17.06 -39.24 -10.71
N PHE A 63 -17.89 -38.21 -10.84
CA PHE A 63 -17.38 -36.96 -11.46
C PHE A 63 -16.45 -36.34 -10.41
N GLY A 64 -15.19 -36.14 -10.75
CA GLY A 64 -14.29 -35.61 -9.74
C GLY A 64 -14.17 -34.09 -9.95
N GLY A 65 -14.87 -33.45 -10.82
CA GLY A 65 -14.79 -32.04 -11.18
C GLY A 65 -13.86 -31.79 -12.34
N GLY A 66 -14.04 -30.62 -12.99
CA GLY A 66 -13.25 -30.19 -14.11
C GLY A 66 -12.03 -29.33 -13.92
N GLY A 67 -11.58 -29.03 -12.70
CA GLY A 67 -10.39 -28.22 -12.47
C GLY A 67 -10.74 -26.72 -12.82
N ALA A 68 -9.84 -26.09 -13.53
CA ALA A 68 -9.97 -24.64 -13.91
C ALA A 68 -10.98 -24.49 -15.03
N ASP A 69 -12.24 -24.53 -14.70
CA ASP A 69 -13.33 -24.44 -15.68
C ASP A 69 -14.41 -23.43 -15.35
N GLY A 70 -14.14 -22.56 -14.33
CA GLY A 70 -15.04 -21.56 -13.82
C GLY A 70 -16.26 -22.17 -13.22
N SER A 71 -16.26 -23.46 -12.74
CA SER A 71 -17.46 -24.00 -12.20
C SER A 71 -17.94 -23.29 -10.95
N ILE A 72 -16.97 -22.73 -10.19
CA ILE A 72 -17.36 -21.97 -8.95
C ILE A 72 -18.26 -20.79 -9.26
N ILE A 73 -18.26 -20.19 -10.43
CA ILE A 73 -19.14 -19.13 -10.86
C ILE A 73 -20.38 -19.70 -11.54
N THR A 74 -20.19 -20.54 -12.56
CA THR A 74 -21.36 -21.09 -13.29
C THR A 74 -22.29 -21.81 -12.36
N PHE A 75 -21.70 -22.62 -11.45
CA PHE A 75 -22.47 -23.35 -10.44
C PHE A 75 -22.30 -22.80 -9.02
N SER A 76 -22.23 -21.49 -8.87
CA SER A 76 -22.03 -20.90 -7.54
C SER A 76 -23.09 -21.24 -6.55
N SER A 77 -24.34 -21.39 -6.96
CA SER A 77 -25.40 -21.73 -6.03
C SER A 77 -25.16 -23.08 -5.40
N ILE A 78 -24.32 -23.96 -5.92
CA ILE A 78 -23.96 -25.21 -5.29
C ILE A 78 -22.61 -25.08 -4.63
N GLU A 79 -21.63 -24.66 -5.39
CA GLU A 79 -20.27 -24.62 -4.91
C GLU A 79 -20.02 -23.59 -3.79
N THR A 80 -20.71 -22.46 -3.77
CA THR A 80 -20.41 -21.52 -2.64
C THR A 80 -21.09 -21.91 -1.37
N THR A 81 -21.84 -23.00 -1.28
CA THR A 81 -22.45 -23.53 -0.05
C THR A 81 -21.49 -24.45 0.67
N TYR A 82 -20.44 -24.92 0.00
CA TYR A 82 -19.49 -25.81 0.62
C TYR A 82 -18.76 -25.07 1.70
N HIS A 83 -18.47 -25.63 2.85
CA HIS A 83 -17.71 -24.95 3.90
C HIS A 83 -16.36 -24.42 3.50
N PRO A 84 -15.50 -25.07 2.73
CA PRO A 84 -14.23 -24.49 2.34
C PRO A 84 -14.36 -23.22 1.50
N ASN A 85 -15.49 -22.99 0.91
CA ASN A 85 -15.78 -21.92 -0.02
C ASN A 85 -16.49 -20.78 0.66
N ILE A 86 -16.53 -20.74 1.97
CA ILE A 86 -17.22 -19.63 2.67
C ILE A 86 -16.69 -18.26 2.24
N GLY A 87 -17.64 -17.33 2.08
CA GLY A 87 -17.36 -16.03 1.57
C GLY A 87 -17.24 -15.84 0.08
N LEU A 88 -17.11 -16.91 -0.71
CA LEU A 88 -16.95 -16.74 -2.16
C LEU A 88 -18.24 -16.42 -2.86
N ASP A 89 -19.35 -16.58 -2.17
CA ASP A 89 -20.60 -16.18 -2.79
C ASP A 89 -20.47 -14.71 -3.11
N GLU A 90 -19.95 -13.87 -2.23
CA GLU A 90 -19.79 -12.43 -2.52
C GLU A 90 -18.74 -12.16 -3.54
N VAL A 91 -17.69 -12.93 -3.62
CA VAL A 91 -16.65 -12.75 -4.63
C VAL A 91 -17.26 -13.06 -5.99
N VAL A 92 -18.04 -14.14 -6.12
CA VAL A 92 -18.71 -14.44 -7.43
C VAL A 92 -19.56 -13.27 -7.90
N ALA A 93 -20.39 -12.73 -6.99
CA ALA A 93 -21.27 -11.59 -7.16
C ALA A 93 -20.48 -10.33 -7.60
N ILE A 94 -19.29 -10.08 -7.14
CA ILE A 94 -18.50 -8.96 -7.63
C ILE A 94 -17.93 -9.20 -8.99
N GLN A 95 -17.46 -10.42 -9.29
CA GLN A 95 -16.86 -10.79 -10.58
C GLN A 95 -17.88 -11.00 -11.71
N LYS A 96 -19.06 -11.46 -11.48
CA LYS A 96 -20.05 -11.71 -12.53
C LYS A 96 -20.30 -10.65 -13.57
N PRO A 97 -20.56 -9.39 -13.17
CA PRO A 97 -20.75 -8.28 -14.09
C PRO A 97 -19.64 -8.09 -15.08
N PHE A 98 -18.40 -8.30 -14.72
CA PHE A 98 -17.31 -8.12 -15.63
C PHE A 98 -17.30 -9.24 -16.70
N ILE A 99 -17.65 -10.45 -16.28
CA ILE A 99 -17.66 -11.58 -17.22
C ILE A 99 -18.74 -11.32 -18.26
N ALA A 100 -19.90 -10.89 -17.78
CA ALA A 100 -21.04 -10.64 -18.66
C ALA A 100 -20.84 -9.55 -19.68
N LYS A 101 -20.17 -8.50 -19.25
CA LYS A 101 -19.99 -7.35 -20.14
C LYS A 101 -19.03 -7.67 -21.24
N HIS A 102 -18.10 -8.58 -20.97
CA HIS A 102 -17.05 -8.85 -21.91
C HIS A 102 -17.26 -10.14 -22.72
N GLY A 103 -18.30 -10.87 -22.38
CA GLY A 103 -18.49 -12.13 -23.14
C GLY A 103 -17.32 -13.08 -23.15
N VAL A 104 -16.66 -13.32 -22.02
CA VAL A 104 -15.53 -14.21 -21.85
C VAL A 104 -16.04 -15.37 -20.97
N THR A 105 -15.37 -16.53 -20.92
CA THR A 105 -15.85 -17.60 -20.02
C THR A 105 -15.43 -17.25 -18.54
N PRO A 106 -16.20 -17.78 -17.61
CA PRO A 106 -15.94 -17.59 -16.17
C PRO A 106 -14.58 -18.15 -15.88
N GLY A 107 -14.16 -19.29 -16.45
CA GLY A 107 -12.90 -19.90 -16.21
C GLY A 107 -11.68 -19.11 -16.63
N ASP A 108 -11.79 -18.59 -17.86
CA ASP A 108 -10.68 -17.78 -18.36
C ASP A 108 -10.63 -16.45 -17.53
N PHE A 109 -11.80 -15.88 -17.23
CA PHE A 109 -11.83 -14.66 -16.41
C PHE A 109 -11.16 -14.88 -15.06
N ILE A 110 -11.50 -15.92 -14.31
CA ILE A 110 -10.85 -16.25 -13.05
C ILE A 110 -9.35 -16.28 -13.13
N ALA A 111 -8.78 -17.07 -14.10
CA ALA A 111 -7.34 -17.13 -14.25
C ALA A 111 -6.72 -15.74 -14.59
N PHE A 112 -7.40 -14.97 -15.44
CA PHE A 112 -6.93 -13.65 -15.85
C PHE A 112 -6.91 -12.67 -14.62
N ALA A 113 -8.00 -12.57 -13.94
CA ALA A 113 -8.14 -11.67 -12.79
C ALA A 113 -7.18 -12.08 -11.70
N GLY A 114 -6.98 -13.38 -11.48
CA GLY A 114 -6.03 -13.81 -10.47
C GLY A 114 -4.65 -13.40 -10.85
N ALA A 115 -4.17 -13.50 -12.08
CA ALA A 115 -2.88 -13.13 -12.54
C ALA A 115 -2.67 -11.57 -12.48
N VAL A 116 -3.64 -10.82 -12.91
CA VAL A 116 -3.61 -9.35 -12.90
C VAL A 116 -3.63 -8.89 -11.41
N GLY A 117 -4.45 -9.40 -10.55
CA GLY A 117 -4.55 -9.09 -9.10
C GLY A 117 -3.21 -9.31 -8.43
N VAL A 118 -2.48 -10.41 -8.67
CA VAL A 118 -1.15 -10.66 -8.15
C VAL A 118 -0.08 -9.66 -8.62
N SER A 119 -0.08 -9.32 -9.89
CA SER A 119 0.85 -8.39 -10.50
C SER A 119 0.77 -6.98 -9.84
N ASN A 120 -0.36 -6.66 -9.28
CA ASN A 120 -0.47 -5.34 -8.60
C ASN A 120 0.29 -5.37 -7.28
N CYS A 121 0.81 -6.46 -6.74
CA CYS A 121 1.41 -6.56 -5.40
C CYS A 121 2.87 -6.38 -5.49
N PRO A 122 3.50 -5.36 -4.87
CA PRO A 122 4.95 -5.27 -4.97
C PRO A 122 5.61 -6.59 -4.61
N GLY A 123 6.55 -7.01 -5.42
CA GLY A 123 7.33 -8.22 -5.19
C GLY A 123 6.82 -9.41 -6.06
N ALA A 124 5.64 -9.26 -6.65
CA ALA A 124 5.07 -10.33 -7.48
C ALA A 124 6.03 -10.68 -8.60
N PRO A 125 5.96 -11.96 -9.08
CA PRO A 125 6.68 -12.41 -10.27
C PRO A 125 5.93 -11.94 -11.55
N GLN A 126 6.49 -12.05 -12.74
CA GLN A 126 5.79 -11.82 -13.99
C GLN A 126 4.79 -12.99 -14.09
N MET A 127 3.51 -12.73 -14.11
CA MET A 127 2.49 -13.76 -14.15
C MET A 127 2.10 -14.14 -15.59
N GLN A 128 1.73 -15.40 -15.78
CA GLN A 128 1.39 -15.86 -17.13
C GLN A 128 -0.10 -15.95 -17.23
N PHE A 129 -0.58 -16.08 -18.44
CA PHE A 129 -1.99 -16.24 -18.74
C PHE A 129 -2.13 -17.10 -20.03
N PHE A 130 -2.64 -18.32 -19.81
CA PHE A 130 -2.93 -19.26 -20.89
C PHE A 130 -4.44 -19.21 -20.96
N LEU A 131 -4.90 -19.15 -22.21
CA LEU A 131 -6.28 -19.02 -22.57
C LEU A 131 -6.96 -20.27 -23.19
N GLY A 132 -8.15 -20.61 -22.78
CA GLY A 132 -8.95 -21.67 -23.37
C GLY A 132 -9.60 -22.54 -22.33
N ARG A 133 -10.62 -22.13 -21.59
CA ARG A 133 -11.32 -22.85 -20.57
C ARG A 133 -12.80 -22.74 -20.83
N PRO A 134 -13.29 -23.76 -21.57
CA PRO A 134 -14.73 -23.85 -21.82
C PRO A 134 -15.57 -23.91 -20.54
N GLU A 135 -16.83 -23.57 -20.71
CA GLU A 135 -17.70 -23.64 -19.57
C GLU A 135 -17.84 -25.04 -18.98
N ALA A 136 -18.06 -25.00 -17.65
CA ALA A 136 -18.20 -26.21 -16.87
C ALA A 136 -19.55 -26.82 -17.24
N THR A 137 -19.62 -28.12 -17.23
CA THR A 137 -20.79 -28.95 -17.49
C THR A 137 -21.54 -29.29 -16.19
N GLN A 138 -20.70 -29.46 -15.18
CA GLN A 138 -21.20 -29.78 -13.86
C GLN A 138 -20.35 -29.21 -12.72
N ALA A 139 -21.06 -29.00 -11.65
CA ALA A 139 -20.50 -28.56 -10.38
C ALA A 139 -19.52 -29.55 -9.82
N ALA A 140 -18.43 -29.10 -9.22
CA ALA A 140 -17.48 -30.00 -8.57
C ALA A 140 -18.17 -30.44 -7.31
N PRO A 141 -17.83 -31.64 -6.85
CA PRO A 141 -18.37 -32.15 -5.59
C PRO A 141 -17.58 -31.51 -4.44
N ASP A 142 -18.16 -31.65 -3.26
CA ASP A 142 -17.49 -31.11 -2.03
C ASP A 142 -16.42 -32.06 -1.60
N GLY A 143 -15.60 -31.78 -0.60
CA GLY A 143 -14.52 -32.62 -0.15
C GLY A 143 -13.28 -32.48 -0.94
N LEU A 144 -13.25 -31.47 -1.84
CA LEU A 144 -12.06 -31.32 -2.65
C LEU A 144 -11.17 -30.13 -2.30
N VAL A 145 -11.76 -29.17 -1.55
CA VAL A 145 -10.91 -28.01 -1.16
C VAL A 145 -10.38 -28.21 0.26
N PRO A 146 -9.10 -28.11 0.51
CA PRO A 146 -8.52 -28.33 1.87
C PRO A 146 -9.08 -27.34 2.89
N GLU A 147 -9.19 -27.76 4.16
CA GLU A 147 -9.66 -26.91 5.30
C GLU A 147 -8.48 -26.70 6.25
N PRO A 148 -8.46 -25.61 7.03
CA PRO A 148 -7.36 -25.26 7.94
C PRO A 148 -7.30 -26.18 9.17
N PHE A 149 -8.32 -26.98 9.37
CA PHE A 149 -8.38 -28.00 10.42
C PHE A 149 -8.01 -29.43 9.94
N HIS A 150 -7.69 -29.67 8.66
CA HIS A 150 -7.27 -30.92 8.13
C HIS A 150 -5.85 -31.20 8.54
N THR A 151 -5.47 -32.51 8.68
CA THR A 151 -4.07 -32.81 9.01
C THR A 151 -3.18 -32.61 7.83
N ILE A 152 -1.89 -32.51 8.02
CA ILE A 152 -0.92 -32.33 6.97
C ILE A 152 -0.98 -33.50 6.00
N ASP A 153 -1.13 -34.73 6.53
CA ASP A 153 -1.27 -35.88 5.65
C ASP A 153 -2.52 -35.75 4.77
N GLN A 154 -3.66 -35.34 5.27
CA GLN A 154 -4.84 -35.19 4.46
C GLN A 154 -4.61 -34.11 3.41
N VAL A 155 -3.97 -33.00 3.78
CA VAL A 155 -3.78 -31.96 2.74
C VAL A 155 -2.81 -32.47 1.72
N LEU A 156 -1.71 -33.09 2.09
CA LEU A 156 -0.72 -33.54 1.15
C LEU A 156 -1.35 -34.54 0.15
N ALA A 157 -2.21 -35.42 0.64
CA ALA A 157 -2.86 -36.38 -0.23
C ALA A 157 -3.75 -35.71 -1.24
N ARG A 158 -4.64 -34.82 -0.90
CA ARG A 158 -5.53 -34.08 -1.81
C ARG A 158 -4.76 -33.39 -2.91
N MET A 159 -3.64 -32.72 -2.49
CA MET A 159 -2.83 -31.99 -3.43
C MET A 159 -2.20 -32.90 -4.46
N LEU A 160 -1.76 -34.07 -3.95
CA LEU A 160 -1.11 -35.07 -4.87
C LEU A 160 -2.15 -35.65 -5.82
N ASP A 161 -3.33 -35.96 -5.47
CA ASP A 161 -4.40 -36.42 -6.31
C ASP A 161 -4.77 -35.33 -7.32
N ALA A 162 -5.05 -34.11 -6.81
CA ALA A 162 -5.54 -33.05 -7.69
C ALA A 162 -4.66 -32.77 -8.86
N GLY A 163 -3.40 -32.52 -8.62
CA GLY A 163 -2.44 -32.07 -9.57
C GLY A 163 -1.08 -32.71 -9.50
N GLY A 164 -0.83 -33.74 -8.72
CA GLY A 164 0.50 -34.32 -8.67
C GLY A 164 1.50 -33.43 -7.94
N PHE A 165 0.93 -32.53 -7.10
CA PHE A 165 1.74 -31.58 -6.35
C PHE A 165 2.34 -32.34 -5.16
N ASP A 166 3.65 -32.36 -5.08
CA ASP A 166 4.28 -33.01 -3.91
C ASP A 166 4.25 -32.00 -2.75
N GLU A 167 4.98 -32.38 -1.68
CA GLU A 167 5.01 -31.54 -0.48
C GLU A 167 5.89 -30.33 -0.77
N ILE A 168 6.88 -30.36 -1.55
CA ILE A 168 7.70 -29.21 -1.88
C ILE A 168 6.86 -28.16 -2.62
N GLU A 169 6.16 -28.57 -3.65
CA GLU A 169 5.28 -27.77 -4.48
C GLU A 169 4.12 -27.28 -3.65
N THR A 170 3.63 -28.00 -2.69
CA THR A 170 2.55 -27.52 -1.85
C THR A 170 2.96 -26.27 -1.02
N VAL A 171 4.21 -26.23 -0.58
CA VAL A 171 4.82 -25.17 0.22
C VAL A 171 4.88 -23.94 -0.71
N LEU A 173 2.82 -23.22 -3.29
CA LEU A 173 1.48 -22.76 -3.43
C LEU A 173 1.01 -21.88 -2.28
N LEU A 174 1.35 -22.25 -1.03
CA LEU A 174 0.99 -21.52 0.21
C LEU A 174 1.68 -20.16 0.31
N SER A 175 2.56 -19.79 -0.57
CA SER A 175 3.17 -18.49 -0.76
C SER A 175 2.01 -17.48 -0.97
N ALA A 176 0.90 -17.86 -1.53
CA ALA A 176 -0.31 -17.13 -1.73
C ALA A 176 -0.77 -16.53 -0.41
N HIS A 177 -0.56 -17.08 0.76
CA HIS A 177 -1.00 -16.53 2.03
C HIS A 177 -0.17 -15.29 2.50
N SER A 178 0.84 -14.94 1.74
CA SER A 178 1.58 -13.68 1.93
C SER A 178 0.73 -12.47 1.47
N ILE A 179 -0.32 -12.55 0.71
CA ILE A 179 -1.19 -11.47 0.27
C ILE A 179 -2.60 -11.89 0.54
N ALA A 180 -3.00 -12.00 1.80
CA ALA A 180 -4.26 -12.59 2.16
C ALA A 180 -4.75 -12.32 3.54
N ALA A 181 -6.02 -12.26 3.76
CA ALA A 181 -6.71 -12.06 4.99
C ALA A 181 -7.83 -13.07 5.14
N ALA A 182 -8.30 -13.25 6.34
CA ALA A 182 -9.44 -14.06 6.73
C ALA A 182 -10.63 -13.19 7.11
N ASN A 183 -11.66 -13.21 6.27
CA ASN A 183 -12.88 -12.46 6.53
C ASN A 183 -13.96 -13.24 7.27
N ASP A 184 -13.89 -14.61 7.13
CA ASP A 184 -14.98 -15.40 7.66
C ASP A 184 -14.61 -16.44 8.72
N VAL A 185 -13.36 -16.57 9.10
CA VAL A 185 -12.94 -17.53 10.15
C VAL A 185 -13.33 -17.06 11.55
N ASP A 186 -12.92 -15.86 11.95
CA ASP A 186 -13.30 -15.27 13.23
C ASP A 186 -14.58 -14.51 12.97
N PRO A 187 -15.67 -14.94 13.61
CA PRO A 187 -16.98 -14.29 13.45
C PRO A 187 -17.10 -12.84 13.97
N THR A 188 -16.19 -12.38 14.79
CA THR A 188 -16.16 -11.07 15.43
C THR A 188 -15.35 -10.05 14.67
N ILE A 189 -14.34 -10.44 13.89
CA ILE A 189 -13.52 -9.54 13.12
C ILE A 189 -13.29 -10.12 11.70
N SER A 190 -13.55 -9.29 10.69
CA SER A 190 -13.28 -9.72 9.33
C SER A 190 -12.01 -9.05 8.87
N GLY A 191 -11.21 -9.58 7.97
CA GLY A 191 -10.05 -8.93 7.46
C GLY A 191 -8.76 -9.08 8.21
N LEU A 192 -8.59 -10.18 8.94
CA LEU A 192 -7.34 -10.42 9.68
C LEU A 192 -6.29 -11.02 8.78
N PRO A 193 -5.17 -10.38 8.47
CA PRO A 193 -4.19 -10.86 7.54
C PRO A 193 -3.43 -12.09 8.04
N PHE A 194 -2.80 -12.84 7.18
CA PHE A 194 -1.96 -13.97 7.54
C PHE A 194 -0.51 -13.58 7.73
N ASP A 195 -0.11 -12.40 7.22
CA ASP A 195 1.25 -11.91 7.46
C ASP A 195 1.10 -10.36 7.74
N SER A 196 2.16 -9.73 8.22
CA SER A 196 2.00 -8.25 8.52
C SER A 196 2.11 -7.44 7.24
N THR A 197 2.33 -7.95 6.05
CA THR A 197 2.38 -7.25 4.77
C THR A 197 1.37 -7.82 3.77
N PRO A 198 0.10 -7.77 3.97
CA PRO A 198 -0.86 -8.34 3.01
C PRO A 198 -0.88 -7.59 1.69
N GLY A 199 -0.17 -6.45 1.52
CA GLY A 199 -0.17 -5.74 0.26
C GLY A 199 1.14 -5.95 -0.48
N GLN A 200 1.93 -6.90 0.07
CA GLN A 200 3.21 -7.19 -0.55
C GLN A 200 3.48 -8.69 -0.71
N PHE A 201 3.93 -9.04 -1.91
CA PHE A 201 4.24 -10.44 -2.17
C PHE A 201 5.68 -10.64 -1.75
N ASP A 202 5.82 -11.04 -0.48
CA ASP A 202 7.13 -11.23 0.13
C ASP A 202 7.12 -12.49 1.04
N SER A 203 8.22 -12.61 1.78
CA SER A 203 8.43 -13.75 2.69
C SER A 203 8.02 -13.52 4.09
N GLN A 204 7.29 -12.47 4.50
CA GLN A 204 6.90 -12.26 5.87
C GLN A 204 6.06 -13.41 6.36
N PHE A 205 5.17 -13.97 5.55
CA PHE A 205 4.38 -15.13 5.95
C PHE A 205 5.23 -16.32 6.45
N PHE A 206 6.35 -16.58 5.86
CA PHE A 206 7.29 -17.65 6.17
C PHE A 206 8.05 -17.31 7.44
N VAL A 207 8.37 -16.05 7.68
CA VAL A 207 9.02 -15.59 8.94
C VAL A 207 7.98 -15.67 10.04
N GLU A 208 6.82 -15.00 9.95
CA GLU A 208 5.85 -14.88 11.00
C GLU A 208 5.14 -16.15 11.46
N THR A 209 5.05 -17.17 10.59
CA THR A 209 4.39 -18.45 11.00
C THR A 209 5.37 -19.28 11.85
N GLN A 210 6.65 -19.01 11.74
CA GLN A 210 7.72 -19.64 12.50
C GLN A 210 7.93 -19.05 13.91
N LEU A 211 7.24 -17.98 14.29
CA LEU A 211 7.35 -17.38 15.59
C LEU A 211 6.51 -18.17 16.59
N ARG A 212 6.81 -18.05 17.89
CA ARG A 212 5.90 -18.74 18.78
C ARG A 212 4.59 -17.97 18.83
N GLY A 213 3.47 -18.61 18.94
CA GLY A 213 2.15 -17.99 19.04
C GLY A 213 1.95 -17.44 20.44
N THR A 214 1.31 -16.32 20.69
CA THR A 214 1.14 -15.80 22.07
C THR A 214 -0.30 -15.51 22.32
N ALA A 215 -1.20 -15.29 21.37
CA ALA A 215 -2.62 -15.09 21.59
C ALA A 215 -3.49 -15.29 20.36
N PHE A 216 -4.76 -15.48 20.53
CA PHE A 216 -5.70 -15.49 19.43
C PHE A 216 -6.00 -14.00 19.15
N PRO A 217 -6.13 -13.66 17.88
CA PRO A 217 -6.39 -12.27 17.49
C PRO A 217 -7.78 -11.81 17.85
N GLY A 218 -8.78 -12.68 17.94
CA GLY A 218 -10.17 -12.34 18.19
C GLY A 218 -10.80 -13.28 19.21
N LYS A 219 -11.82 -13.97 18.71
CA LYS A 219 -12.51 -15.02 19.52
C LYS A 219 -11.53 -16.16 19.76
N THR A 220 -11.54 -16.60 21.00
CA THR A 220 -10.59 -17.65 21.43
C THR A 220 -10.98 -19.04 20.94
N GLY A 221 -9.94 -19.75 20.57
CA GLY A 221 -9.84 -21.10 20.14
C GLY A 221 -10.62 -21.63 18.94
N ILE A 222 -10.94 -20.76 18.01
CA ILE A 222 -11.66 -21.20 16.78
C ILE A 222 -11.01 -22.40 16.08
N GLN A 223 -11.80 -23.45 15.78
CA GLN A 223 -11.22 -24.64 15.14
C GLN A 223 -10.62 -24.31 13.77
N GLY A 224 -9.41 -24.70 13.50
CA GLY A 224 -8.71 -24.39 12.26
C GLY A 224 -7.72 -23.26 12.42
N THR A 225 -7.70 -22.72 13.66
CA THR A 225 -6.71 -21.70 14.01
C THR A 225 -6.01 -22.01 15.32
N VAL A 226 -4.81 -21.44 15.42
CA VAL A 226 -4.00 -21.53 16.65
C VAL A 226 -3.60 -20.11 17.08
N MET A 227 -2.90 -19.96 18.19
CA MET A 227 -2.42 -18.61 18.60
C MET A 227 -1.47 -18.03 17.57
N SER A 228 -1.60 -16.69 17.32
CA SER A 228 -0.67 -16.01 16.40
C SER A 228 0.32 -15.18 17.23
N PRO A 229 1.42 -14.77 16.63
CA PRO A 229 2.42 -14.01 17.35
C PRO A 229 2.19 -12.51 17.41
N LEU A 230 1.20 -11.96 16.74
CA LEU A 230 0.96 -10.52 16.64
C LEU A 230 -0.49 -10.16 16.80
N LYS A 231 -0.81 -9.07 17.53
CA LYS A 231 -2.20 -8.72 17.58
C LYS A 231 -2.61 -8.31 16.14
N GLY A 232 -3.82 -8.69 15.75
CA GLY A 232 -4.37 -8.40 14.43
C GLY A 232 -4.02 -9.37 13.34
N GLU A 233 -3.16 -10.37 13.58
CA GLU A 233 -2.78 -11.43 12.65
C GLU A 233 -3.46 -12.75 13.07
N MET A 234 -3.95 -13.45 12.03
CA MET A 234 -4.57 -14.79 12.21
C MET A 234 -3.55 -15.83 11.80
N ARG A 235 -3.46 -16.99 12.48
CA ARG A 235 -2.55 -18.08 12.07
C ARG A 235 -3.43 -19.33 11.84
N LEU A 236 -3.41 -19.90 10.63
CA LEU A 236 -4.27 -21.10 10.43
C LEU A 236 -3.52 -22.33 11.00
N GLN A 237 -4.33 -23.29 11.48
CA GLN A 237 -3.59 -24.49 12.01
C GLN A 237 -2.74 -25.18 10.98
N THR A 238 -3.20 -25.31 9.70
CA THR A 238 -2.37 -25.93 8.67
C THR A 238 -1.07 -25.20 8.43
N ASP A 239 -1.13 -23.81 8.44
CA ASP A 239 0.13 -23.06 8.14
C ASP A 239 1.12 -23.25 9.27
N HIS A 240 0.56 -23.29 10.46
CA HIS A 240 1.39 -23.56 11.69
C HIS A 240 2.11 -24.91 11.57
N LEU A 241 1.32 -25.95 11.19
CA LEU A 241 1.83 -27.34 11.01
C LEU A 241 2.79 -27.48 9.89
N PHE A 242 2.56 -26.87 8.72
CA PHE A 242 3.54 -26.94 7.66
C PHE A 242 4.90 -26.37 7.97
N ALA A 243 4.86 -25.31 8.79
CA ALA A 243 6.13 -24.64 9.17
C ALA A 243 6.99 -25.54 10.07
N ARG A 244 6.34 -26.44 10.80
CA ARG A 244 6.97 -27.34 11.78
C ARG A 244 7.10 -28.83 11.45
N ASP A 245 6.44 -29.29 10.38
CA ASP A 245 6.46 -30.65 9.94
C ASP A 245 7.79 -30.94 9.30
N SER A 246 8.29 -32.15 9.68
CA SER A 246 9.58 -32.56 9.14
C SER A 246 9.68 -32.68 7.63
N ARG A 247 8.61 -32.99 6.92
CA ARG A 247 8.68 -33.09 5.45
C ARG A 247 8.79 -31.69 4.79
N THR A 248 8.16 -30.68 5.43
CA THR A 248 8.08 -29.34 4.86
C THR A 248 8.85 -28.21 5.52
N ALA A 249 9.29 -28.35 6.75
CA ALA A 249 9.99 -27.32 7.50
C ALA A 249 11.12 -26.61 6.81
N CYS A 250 12.03 -27.34 6.21
CA CYS A 250 13.16 -26.71 5.57
C CYS A 250 12.77 -25.94 4.31
N GLU A 251 11.74 -26.41 3.57
CA GLU A 251 11.30 -25.77 2.33
C GLU A 251 10.66 -24.38 2.76
N TRP A 252 9.87 -24.51 3.81
CA TRP A 252 9.18 -23.36 4.39
C TRP A 252 10.23 -22.29 4.72
N GLN A 253 11.29 -22.70 5.40
CA GLN A 253 12.37 -21.78 5.78
C GLN A 253 13.16 -21.20 4.65
N SER A 254 13.25 -21.89 3.52
CA SER A 254 14.03 -21.50 2.36
C SER A 254 13.62 -20.18 1.70
N PHE A 255 12.38 -19.75 1.90
CA PHE A 255 11.81 -18.52 1.35
C PHE A 255 12.26 -17.31 2.21
N VAL A 256 12.53 -17.54 3.49
CA VAL A 256 13.02 -16.48 4.39
C VAL A 256 14.28 -15.87 3.78
N ASN A 257 14.18 -14.55 3.48
CA ASN A 257 15.29 -13.83 2.85
C ASN A 257 15.67 -14.31 1.47
N ASN A 258 14.71 -14.88 0.73
CA ASN A 258 15.02 -15.31 -0.63
C ASN A 258 13.88 -14.90 -1.52
N GLN A 259 13.78 -13.64 -1.88
CA GLN A 259 12.70 -13.12 -2.71
C GLN A 259 12.79 -13.75 -4.10
N THR A 260 13.95 -13.93 -4.65
CA THR A 260 14.16 -14.56 -5.96
C THR A 260 13.58 -15.98 -6.10
N LYS A 261 13.84 -16.81 -5.14
CA LYS A 261 13.27 -18.16 -5.04
C LYS A 261 11.76 -18.08 -4.94
N LEU A 262 11.23 -17.20 -4.08
CA LEU A 262 9.82 -16.97 -3.88
C LEU A 262 9.11 -16.68 -5.20
N GLN A 263 9.68 -15.82 -6.02
CA GLN A 263 9.09 -15.40 -7.28
C GLN A 263 9.13 -16.51 -8.33
N GLU A 264 10.30 -17.08 -8.49
CA GLU A 264 10.50 -18.17 -9.45
C GLU A 264 9.57 -19.35 -9.18
N ASP A 265 9.50 -19.82 -7.97
CA ASP A 265 8.65 -20.95 -7.63
C ASP A 265 7.19 -20.68 -7.85
N PHE A 266 6.72 -19.49 -7.39
CA PHE A 266 5.31 -19.15 -7.49
C PHE A 266 4.91 -18.92 -8.95
N GLN A 267 5.71 -18.27 -9.73
CA GLN A 267 5.40 -18.03 -11.11
C GLN A 267 5.07 -19.39 -11.77
N PHE A 268 5.92 -20.39 -11.57
CA PHE A 268 5.76 -21.73 -12.08
C PHE A 268 4.51 -22.44 -11.55
N ILE A 269 4.35 -22.47 -10.24
CA ILE A 269 3.27 -23.27 -9.67
C ILE A 269 1.96 -22.66 -9.93
N PHE A 270 1.87 -21.33 -10.10
CA PHE A 270 0.61 -20.70 -10.37
C PHE A 270 0.15 -21.12 -11.79
N THR A 271 1.06 -21.18 -12.75
CA THR A 271 0.68 -21.65 -14.13
C THR A 271 0.18 -23.12 -14.08
N ALA A 272 0.90 -23.96 -13.35
CA ALA A 272 0.44 -25.36 -13.12
C ALA A 272 -0.92 -25.41 -12.54
N LEU A 273 -1.24 -24.71 -11.44
CA LEU A 273 -2.54 -24.67 -10.86
C LEU A 273 -3.64 -24.15 -11.74
N SER A 274 -3.42 -23.07 -12.48
CA SER A 274 -4.50 -22.42 -13.24
C SER A 274 -4.89 -23.20 -14.47
N THR A 275 -4.05 -24.15 -14.86
CA THR A 275 -4.37 -24.99 -16.03
C THR A 275 -4.77 -26.43 -15.65
N LEU A 276 -5.05 -26.78 -14.40
CA LEU A 276 -5.54 -28.12 -14.07
C LEU A 276 -6.82 -28.40 -14.83
N GLY A 277 -6.94 -29.64 -15.31
CA GLY A 277 -8.12 -30.09 -16.08
C GLY A 277 -7.96 -29.81 -17.57
N HIS A 278 -6.82 -29.32 -18.04
CA HIS A 278 -6.58 -28.90 -19.41
C HIS A 278 -5.21 -29.27 -19.90
N ASP A 279 -5.01 -29.19 -21.21
CA ASP A 279 -3.73 -29.43 -21.84
C ASP A 279 -3.30 -27.99 -22.26
N MET A 280 -2.24 -27.64 -21.58
CA MET A 280 -1.53 -26.37 -21.68
C MET A 280 -1.02 -26.15 -23.11
N ASN A 281 -0.64 -27.26 -23.74
CA ASN A 281 -0.16 -27.21 -25.13
C ASN A 281 -1.26 -26.92 -26.10
N ALA A 282 -2.51 -27.07 -25.80
CA ALA A 282 -3.67 -26.75 -26.58
C ALA A 282 -4.27 -25.36 -26.25
N MET A 283 -3.67 -24.64 -25.32
CA MET A 283 -4.14 -23.33 -24.87
C MET A 283 -3.36 -22.25 -25.59
N ILE A 284 -3.88 -21.03 -25.63
CA ILE A 284 -3.08 -19.97 -26.29
C ILE A 284 -2.39 -19.15 -25.21
N ASP A 285 -1.14 -18.87 -25.40
CA ASP A 285 -0.40 -18.09 -24.39
C ASP A 285 -0.68 -16.60 -24.62
N CYS A 286 -1.44 -15.97 -23.74
CA CYS A 286 -1.73 -14.52 -23.90
C CYS A 286 -1.06 -13.79 -22.75
N SER A 287 0.08 -14.26 -22.29
CA SER A 287 0.84 -13.71 -21.13
C SER A 287 1.27 -12.25 -21.37
N GLU A 288 1.40 -11.93 -22.66
CA GLU A 288 1.76 -10.60 -23.13
C GLU A 288 0.72 -9.59 -22.71
N VAL A 289 -0.50 -9.80 -22.36
CA VAL A 289 -1.53 -8.92 -21.90
C VAL A 289 -1.39 -8.64 -20.41
N ILE A 290 -0.72 -9.50 -19.64
CA ILE A 290 -0.58 -9.25 -18.20
C ILE A 290 0.53 -8.20 -18.02
N PRO A 291 0.22 -7.15 -17.25
CA PRO A 291 1.23 -6.10 -16.99
C PRO A 291 2.42 -6.55 -16.17
N ALA A 292 3.56 -5.91 -16.33
CA ALA A 292 4.80 -6.10 -15.56
C ALA A 292 4.38 -5.93 -14.13
N PRO A 293 4.88 -6.72 -13.21
CA PRO A 293 4.45 -6.60 -11.80
C PRO A 293 4.97 -5.31 -11.12
N LYS A 294 4.31 -4.87 -10.06
CA LYS A 294 4.84 -3.71 -9.29
C LYS A 294 6.21 -4.10 -8.76
N PRO A 295 7.15 -3.18 -8.85
CA PRO A 295 8.52 -3.45 -8.42
C PRO A 295 8.64 -3.66 -6.92
N VAL A 296 9.64 -4.39 -6.46
CA VAL A 296 9.95 -4.53 -5.03
C VAL A 296 10.27 -3.12 -4.48
N ASN A 297 9.67 -2.78 -3.35
CA ASN A 297 10.03 -1.45 -2.71
C ASN A 297 10.15 -1.64 -1.21
N PHE A 298 10.78 -2.76 -0.85
CA PHE A 298 10.99 -3.29 0.50
C PHE A 298 12.34 -3.98 0.57
N GLY A 299 12.85 -4.12 1.77
CA GLY A 299 14.20 -4.68 1.93
C GLY A 299 14.03 -6.17 2.25
N PRO A 300 15.12 -6.71 2.77
CA PRO A 300 15.13 -8.10 3.24
C PRO A 300 14.13 -8.43 4.29
N SER A 301 13.84 -9.70 4.53
CA SER A 301 12.91 -10.18 5.51
C SER A 301 13.34 -9.65 6.86
N PHE A 302 12.44 -9.43 7.76
CA PHE A 302 12.62 -8.87 9.08
C PHE A 302 11.72 -9.51 10.12
N PHE A 303 12.15 -9.33 11.38
CA PHE A 303 11.40 -9.68 12.57
C PHE A 303 10.49 -8.48 12.84
N PRO A 304 9.21 -8.72 12.96
CA PRO A 304 8.30 -7.64 13.36
C PRO A 304 8.82 -6.99 14.64
N ALA A 305 8.50 -5.70 14.84
CA ALA A 305 8.92 -4.93 16.06
C ALA A 305 8.56 -5.72 17.31
N GLY A 306 9.48 -5.86 18.25
CA GLY A 306 9.13 -6.55 19.48
C GLY A 306 9.48 -8.03 19.57
N LYS A 307 9.99 -8.58 18.47
CA LYS A 307 10.35 -9.98 18.31
C LYS A 307 11.83 -10.07 17.97
N THR A 308 12.42 -11.16 18.45
CA THR A 308 13.83 -11.46 18.20
C THR A 308 13.98 -12.91 17.69
N HIS A 309 15.20 -13.22 17.33
CA HIS A 309 15.56 -14.56 16.90
C HIS A 309 15.18 -15.57 17.95
N ALA A 310 15.18 -15.25 19.23
CA ALA A 310 14.75 -16.08 20.33
C ALA A 310 13.26 -16.45 20.30
N ASP A 311 12.45 -15.75 19.50
CA ASP A 311 11.02 -16.01 19.43
C ASP A 311 10.68 -17.06 18.33
N ILE A 312 11.69 -17.42 17.61
CA ILE A 312 11.61 -18.41 16.55
C ILE A 312 11.65 -19.84 17.08
N GLU A 313 10.68 -20.63 16.68
CA GLU A 313 10.64 -22.10 16.94
C GLU A 313 11.38 -22.73 15.76
N GLN A 314 12.65 -23.04 15.79
CA GLN A 314 13.46 -23.64 14.76
C GLN A 314 12.87 -25.00 14.40
N ALA A 315 12.69 -25.29 13.13
CA ALA A 315 12.10 -26.59 12.76
C ALA A 315 12.97 -27.22 11.68
N CYS A 316 13.64 -26.47 10.86
CA CYS A 316 14.46 -27.02 9.80
C CYS A 316 15.71 -27.50 10.53
N ALA A 317 15.91 -28.80 10.47
CA ALA A 317 16.99 -29.50 11.15
C ALA A 317 18.35 -29.32 10.52
N SER A 318 18.42 -29.11 9.24
CA SER A 318 19.65 -28.97 8.48
C SER A 318 20.19 -27.55 8.33
N THR A 319 19.33 -26.58 8.59
CA THR A 319 19.58 -25.15 8.40
C THR A 319 18.80 -24.42 9.50
N PRO A 320 19.63 -23.70 10.25
CA PRO A 320 19.15 -22.89 11.38
C PRO A 320 18.54 -21.58 10.82
N PHE A 321 17.49 -21.17 11.49
CA PHE A 321 16.78 -19.92 11.08
C PHE A 321 17.76 -18.77 11.09
N PRO A 322 17.80 -18.00 9.99
CA PRO A 322 18.73 -16.86 9.95
C PRO A 322 18.38 -15.80 10.99
N THR A 323 19.40 -15.00 11.25
CA THR A 323 19.26 -13.88 12.21
C THR A 323 18.92 -12.62 11.38
N LEU A 324 17.66 -12.27 11.42
CA LEU A 324 17.15 -11.13 10.64
C LEU A 324 17.20 -9.85 11.48
N ILE A 325 17.09 -8.71 10.82
CA ILE A 325 17.01 -7.34 11.40
C ILE A 325 15.68 -7.14 12.10
N THR A 326 15.50 -6.46 13.22
CA THR A 326 14.15 -6.27 13.78
C THR A 326 13.52 -4.98 13.23
N ALA A 327 12.24 -4.88 12.89
CA ALA A 327 11.65 -3.62 12.44
C ALA A 327 11.72 -2.55 13.56
N PRO A 328 11.73 -1.26 13.16
CA PRO A 328 11.65 -0.16 14.15
C PRO A 328 10.25 -0.01 14.73
N GLY A 329 10.35 0.49 15.95
CA GLY A 329 9.25 0.90 16.79
C GLY A 329 8.74 -0.02 17.87
N PRO A 330 7.54 0.42 18.26
CA PRO A 330 6.77 -0.27 19.26
C PRO A 330 6.34 -1.66 18.74
N SER A 331 6.16 -2.48 19.76
CA SER A 331 5.70 -3.86 19.47
C SER A 331 4.61 -3.81 18.39
N ALA A 332 4.85 -4.60 17.35
CA ALA A 332 4.01 -4.70 16.18
C ALA A 332 2.61 -5.18 16.42
N SER A 333 1.76 -4.51 15.64
CA SER A 333 0.35 -4.87 15.54
C SER A 333 -0.01 -4.84 14.05
N VAL A 334 -0.98 -5.62 13.62
CA VAL A 334 -1.34 -5.70 12.19
C VAL A 334 -2.72 -5.10 11.98
N ALA A 335 -2.76 -4.14 11.04
CA ALA A 335 -4.00 -3.45 10.65
C ALA A 335 -4.92 -4.38 9.81
N ARG A 336 -6.19 -4.35 10.02
CA ARG A 336 -7.16 -5.17 9.28
C ARG A 336 -7.39 -4.74 7.84
N ILE A 337 -7.80 -5.58 6.90
CA ILE A 337 -8.10 -5.25 5.49
C ILE A 337 -9.58 -5.50 5.37
N PRO A 338 -10.40 -4.45 5.46
CA PRO A 338 -11.83 -4.66 5.46
C PRO A 338 -12.26 -5.19 4.10
N PRO A 339 -13.19 -6.13 4.11
CA PRO A 339 -13.68 -6.71 2.84
C PRO A 339 -14.52 -5.68 2.09
N PRO A 340 -14.69 -5.94 0.80
CA PRO A 340 -15.54 -5.04 0.01
C PRO A 340 -16.97 -5.13 0.51
N PRO A 341 -17.74 -4.07 0.31
CA PRO A 341 -19.17 -4.09 0.69
C PRO A 341 -19.91 -4.88 -0.37
N SER A 342 -21.14 -5.33 -0.13
CA SER A 342 -21.91 -6.06 -1.17
C SER A 342 -21.91 -5.29 -2.48
N PRO A 343 -21.70 -6.04 -3.55
CA PRO A 343 -21.53 -5.69 -4.97
C PRO A 343 -21.04 -4.37 -5.48
N ASN A 344 -21.16 -4.01 -6.76
CA ASN A 344 -20.62 -2.79 -7.38
C ASN A 344 -19.94 -1.73 -6.47
N VAL B 1 -17.33 13.95 27.96
CA VAL B 1 -18.57 14.50 27.36
C VAL B 1 -19.16 13.47 26.40
N ALA B 2 -20.45 13.21 26.52
CA ALA B 2 -21.14 12.29 25.60
C ALA B 2 -21.41 13.14 24.37
N CYS B 3 -21.38 12.57 23.19
CA CYS B 3 -21.59 13.42 22.02
C CYS B 3 -23.08 13.38 21.75
N PRO B 4 -23.66 14.58 21.61
CA PRO B 4 -25.07 14.69 21.18
C PRO B 4 -25.33 14.10 19.78
N ASP B 5 -24.91 12.89 19.55
CA ASP B 5 -24.81 11.90 18.52
C ASP B 5 -25.83 10.82 18.94
N GLY B 6 -25.62 10.63 20.24
CA GLY B 6 -26.29 9.64 21.08
C GLY B 6 -25.25 8.49 21.02
N VAL B 7 -24.08 8.75 20.45
CA VAL B 7 -23.07 7.73 20.29
C VAL B 7 -21.69 7.94 20.90
N HIS B 8 -20.99 8.87 20.26
CA HIS B 8 -19.61 9.24 20.50
C HIS B 8 -19.31 9.95 21.80
N THR B 9 -18.02 9.98 22.05
CA THR B 9 -17.50 10.60 23.27
C THR B 9 -16.28 11.42 22.95
N ALA B 10 -16.22 12.58 23.59
CA ALA B 10 -15.12 13.53 23.43
C ALA B 10 -15.00 14.23 24.78
N SER B 11 -13.81 14.73 25.06
CA SER B 11 -13.53 15.49 26.26
C SER B 11 -14.09 16.92 26.13
N ASN B 12 -14.34 17.36 24.91
CA ASN B 12 -14.85 18.69 24.62
C ASN B 12 -15.93 18.47 23.56
N ALA B 13 -17.06 19.07 23.93
CA ALA B 13 -18.22 18.92 23.06
C ALA B 13 -17.92 19.48 21.69
N ALA B 14 -17.10 20.50 21.49
CA ALA B 14 -16.84 21.03 20.16
C ALA B 14 -16.21 19.96 19.22
N CYS B 15 -15.55 18.94 19.76
CA CYS B 15 -14.92 17.84 18.99
C CYS B 15 -15.90 16.83 18.38
N CYS B 16 -17.08 16.65 18.98
CA CYS B 16 -18.07 15.73 18.46
C CYS B 16 -18.43 15.97 17.02
N ALA B 17 -18.45 17.18 16.49
CA ALA B 17 -18.84 17.39 15.11
C ALA B 17 -17.85 16.81 14.10
N TRP B 18 -16.68 16.39 14.56
CA TRP B 18 -15.60 15.95 13.68
C TRP B 18 -15.67 14.44 13.42
N PHE B 19 -16.43 13.72 14.23
CA PHE B 19 -16.62 12.26 13.98
C PHE B 19 -17.22 11.94 12.63
N PRO B 20 -18.33 12.57 12.29
CA PRO B 20 -18.95 12.49 10.97
C PRO B 20 -18.08 12.94 9.81
N VAL B 21 -17.25 13.98 10.07
CA VAL B 21 -16.31 14.48 9.06
C VAL B 21 -15.28 13.32 8.84
N LEU B 22 -14.80 12.70 9.90
CA LEU B 22 -13.84 11.61 9.84
C LEU B 22 -14.29 10.51 8.88
N ASP B 23 -15.48 9.98 9.26
CA ASP B 23 -16.10 8.90 8.50
C ASP B 23 -16.25 9.23 7.05
N ASP B 24 -16.75 10.41 6.72
CA ASP B 24 -16.94 10.81 5.33
C ASP B 24 -15.69 10.90 4.54
N ILE B 25 -14.62 11.55 5.01
CA ILE B 25 -13.42 11.67 4.20
C ILE B 25 -12.68 10.31 4.16
N GLN B 26 -12.77 9.53 5.23
CA GLN B 26 -12.03 8.26 5.20
C GLN B 26 -12.58 7.44 4.05
N GLN B 27 -13.89 7.37 3.92
CA GLN B 27 -14.46 6.63 2.83
C GLN B 27 -14.42 7.32 1.48
N ASN B 28 -14.88 8.57 1.46
CA ASN B 28 -14.98 9.24 0.16
C ASN B 28 -13.80 10.06 -0.27
N LEU B 29 -12.92 10.50 0.62
CA LEU B 29 -11.82 11.31 0.08
C LEU B 29 -10.60 10.42 -0.07
N PHE B 30 -10.39 9.61 0.96
CA PHE B 30 -9.20 8.77 0.98
C PHE B 30 -9.40 7.32 0.54
N HIS B 31 -10.56 7.07 -0.03
CA HIS B 31 -10.99 5.79 -0.63
C HIS B 31 -10.71 4.56 0.21
N GLY B 32 -11.23 4.59 1.42
CA GLY B 32 -11.09 3.60 2.44
C GLY B 32 -9.80 3.67 3.26
N GLY B 33 -9.44 4.88 3.66
CA GLY B 33 -8.29 5.10 4.50
C GLY B 33 -6.99 4.83 3.78
N GLN B 34 -6.82 5.18 2.53
CA GLN B 34 -5.51 4.90 1.95
C GLN B 34 -4.52 6.07 2.11
N CYS B 35 -3.30 5.81 1.95
CA CYS B 35 -2.18 6.71 1.86
C CYS B 35 -1.85 6.86 0.39
N GLY B 36 -2.74 7.38 -0.42
CA GLY B 36 -2.69 7.55 -1.86
C GLY B 36 -2.65 9.05 -2.24
N ALA B 37 -2.95 9.38 -3.46
CA ALA B 37 -2.92 10.66 -4.10
C ALA B 37 -3.65 11.70 -3.24
N GLU B 38 -4.85 11.52 -2.83
CA GLU B 38 -5.66 12.40 -2.04
C GLU B 38 -5.02 12.60 -0.66
N ALA B 39 -4.50 11.63 0.03
CA ALA B 39 -3.85 11.78 1.30
C ALA B 39 -2.62 12.69 1.13
N HIS B 40 -1.82 12.51 0.12
CA HIS B 40 -0.65 13.28 -0.16
C HIS B 40 -1.06 14.77 -0.48
N GLU B 41 -2.12 14.93 -1.23
CA GLU B 41 -2.69 16.20 -1.65
C GLU B 41 -3.13 17.00 -0.38
N ALA B 42 -3.76 16.38 0.60
CA ALA B 42 -4.27 16.95 1.84
C ALA B 42 -3.06 17.47 2.65
N LEU B 43 -1.96 16.76 2.73
CA LEU B 43 -0.75 17.16 3.39
C LEU B 43 -0.16 18.38 2.68
N ARG B 44 -0.01 18.43 1.38
CA ARG B 44 0.47 19.53 0.57
C ARG B 44 -0.42 20.80 0.84
N MET B 45 -1.70 20.66 0.97
CA MET B 45 -2.63 21.71 1.28
C MET B 45 -2.28 22.42 2.62
N VAL B 46 -1.93 21.63 3.62
CA VAL B 46 -1.60 22.19 4.91
C VAL B 46 -0.47 23.20 4.74
N PHE B 47 0.60 22.81 4.08
CA PHE B 47 1.79 23.60 3.84
C PHE B 47 1.46 24.89 3.05
N HIS B 48 0.83 24.81 1.92
CA HIS B 48 0.44 25.87 1.04
C HIS B 48 -0.56 26.82 1.69
N ASP B 49 -1.42 26.37 2.58
CA ASP B 49 -2.34 27.18 3.32
C ASP B 49 -1.51 27.85 4.46
N SER B 50 -0.80 27.22 5.32
CA SER B 50 -0.22 27.71 6.52
C SER B 50 0.99 28.61 6.37
N ILE B 51 1.88 28.38 5.47
CA ILE B 51 3.11 29.08 5.35
C ILE B 51 2.89 30.49 4.77
N ALA B 52 1.74 30.75 4.16
CA ALA B 52 1.47 32.09 3.56
C ALA B 52 1.05 33.05 4.70
N ILE B 53 2.09 33.52 5.41
CA ILE B 53 2.09 34.36 6.60
C ILE B 53 3.46 35.02 6.66
N SER B 54 3.47 36.36 6.90
CA SER B 54 4.75 37.06 6.92
C SER B 54 4.80 38.29 7.83
N PRO B 55 5.36 38.07 9.00
CA PRO B 55 5.63 39.14 9.99
C PRO B 55 6.42 40.24 9.28
N LYS B 56 7.39 39.94 8.48
CA LYS B 56 8.15 40.87 7.67
C LYS B 56 7.28 41.69 6.73
N LEU B 57 6.26 41.27 6.03
CA LEU B 57 5.44 42.15 5.23
C LEU B 57 4.56 43.00 6.15
N GLN B 58 4.05 42.44 7.23
CA GLN B 58 3.20 43.11 8.20
C GLN B 58 3.77 44.37 8.85
N SER B 59 5.04 44.26 9.17
CA SER B 59 5.85 45.33 9.75
C SER B 59 6.14 46.46 8.76
N GLN B 60 5.80 46.32 7.51
CA GLN B 60 6.01 47.24 6.44
C GLN B 60 4.66 47.78 5.99
N GLY B 61 3.67 47.41 6.73
CA GLY B 61 2.34 47.84 6.51
C GLY B 61 1.64 47.14 5.36
N LYS B 62 2.13 45.97 4.92
CA LYS B 62 1.38 45.22 3.87
C LYS B 62 0.73 43.99 4.47
N PHE B 63 -0.37 43.52 3.92
CA PHE B 63 -0.95 42.27 4.48
C PHE B 63 0.02 41.12 4.15
N GLY B 64 0.43 40.36 5.16
CA GLY B 64 1.41 39.29 4.88
C GLY B 64 0.71 37.93 4.85
N GLY B 65 -0.56 37.80 4.96
CA GLY B 65 -1.44 36.70 4.99
C GLY B 65 -1.76 36.23 6.39
N GLY B 66 -2.80 35.46 6.56
CA GLY B 66 -3.32 34.86 7.77
C GLY B 66 -2.85 33.50 8.22
N GLY B 67 -1.93 32.83 7.53
CA GLY B 67 -1.36 31.53 7.93
C GLY B 67 -2.45 30.47 7.76
N ALA B 68 -2.62 29.66 8.79
CA ALA B 68 -3.65 28.58 8.64
C ALA B 68 -5.05 29.08 8.86
N ASP B 69 -5.61 29.64 7.79
CA ASP B 69 -6.94 30.28 7.84
C ASP B 69 -7.87 29.80 6.76
N GLY B 70 -7.38 28.89 5.92
CA GLY B 70 -8.22 28.37 4.82
C GLY B 70 -8.37 29.24 3.63
N SER B 71 -7.47 30.16 3.47
CA SER B 71 -7.47 31.18 2.46
C SER B 71 -7.23 30.61 1.11
N ILE B 72 -6.53 29.49 1.03
CA ILE B 72 -6.25 28.79 -0.26
C ILE B 72 -7.56 28.29 -0.85
N ILE B 73 -8.57 28.00 -0.07
CA ILE B 73 -9.90 27.61 -0.51
C ILE B 73 -10.85 28.83 -0.60
N THR B 74 -10.94 29.66 0.44
CA THR B 74 -11.83 30.84 0.36
C THR B 74 -11.47 31.68 -0.83
N PHE B 75 -10.23 31.97 -1.10
CA PHE B 75 -9.70 32.76 -2.18
C PHE B 75 -8.93 31.95 -3.19
N SER B 76 -9.49 30.81 -3.57
CA SER B 76 -8.87 29.87 -4.52
C SER B 76 -8.62 30.54 -5.87
N SER B 77 -9.57 31.42 -6.26
CA SER B 77 -9.37 32.13 -7.55
C SER B 77 -8.11 32.93 -7.63
N ILE B 78 -7.66 33.42 -6.50
CA ILE B 78 -6.42 34.16 -6.48
C ILE B 78 -5.26 33.24 -6.14
N GLU B 79 -5.27 32.61 -4.96
CA GLU B 79 -4.13 31.79 -4.54
C GLU B 79 -3.68 30.67 -5.45
N THR B 80 -4.64 29.97 -6.05
CA THR B 80 -4.32 28.84 -6.94
C THR B 80 -3.77 29.30 -8.26
N THR B 81 -3.73 30.62 -8.53
CA THR B 81 -3.11 31.08 -9.75
C THR B 81 -1.63 31.28 -9.51
N TYR B 82 -1.14 31.22 -8.26
CA TYR B 82 0.29 31.46 -8.04
C TYR B 82 1.06 30.21 -8.49
N HIS B 83 2.23 30.50 -9.02
CA HIS B 83 3.09 29.39 -9.49
C HIS B 83 3.37 28.26 -8.48
N PRO B 84 3.80 28.57 -7.25
CA PRO B 84 4.01 27.57 -6.23
C PRO B 84 2.75 26.78 -5.96
N ASN B 85 1.54 27.17 -6.19
CA ASN B 85 0.33 26.48 -5.95
C ASN B 85 -0.23 25.69 -7.13
N ILE B 86 0.57 25.44 -8.14
CA ILE B 86 0.20 24.63 -9.34
C ILE B 86 -0.46 23.30 -9.01
N GLY B 87 -1.57 22.94 -9.58
CA GLY B 87 -2.30 21.75 -9.25
C GLY B 87 -3.22 21.80 -8.08
N LEU B 88 -3.12 22.85 -7.26
CA LEU B 88 -4.02 22.97 -6.08
C LEU B 88 -5.43 23.38 -6.40
N ASP B 89 -5.73 23.89 -7.60
CA ASP B 89 -7.12 24.19 -7.98
C ASP B 89 -7.98 22.95 -8.02
N GLU B 90 -7.47 21.81 -8.52
CA GLU B 90 -8.18 20.51 -8.56
C GLU B 90 -8.36 19.94 -7.18
N VAL B 91 -7.34 20.18 -6.35
CA VAL B 91 -7.43 19.76 -4.95
C VAL B 91 -8.48 20.52 -4.19
N VAL B 92 -8.59 21.85 -4.35
CA VAL B 92 -9.63 22.68 -3.69
C VAL B 92 -11.02 22.22 -4.08
N ALA B 93 -11.18 21.94 -5.36
CA ALA B 93 -12.38 21.47 -6.05
C ALA B 93 -12.88 20.15 -5.47
N ILE B 94 -11.92 19.26 -5.22
CA ILE B 94 -12.21 17.98 -4.52
C ILE B 94 -12.56 18.22 -3.07
N GLN B 95 -11.87 19.12 -2.33
CA GLN B 95 -12.15 19.33 -0.92
C GLN B 95 -13.36 20.17 -0.62
N LYS B 96 -13.64 21.18 -1.45
CA LYS B 96 -14.80 22.04 -1.14
C LYS B 96 -16.11 21.46 -0.72
N PRO B 97 -16.62 20.42 -1.40
CA PRO B 97 -17.90 19.81 -1.05
C PRO B 97 -18.07 19.24 0.32
N PHE B 98 -16.97 18.72 0.88
CA PHE B 98 -17.03 18.16 2.21
C PHE B 98 -17.23 19.28 3.24
N ILE B 99 -16.58 20.38 2.91
CA ILE B 99 -16.62 21.60 3.74
C ILE B 99 -18.06 22.14 3.82
N ALA B 100 -18.65 22.30 2.65
CA ALA B 100 -20.04 22.75 2.48
C ALA B 100 -21.02 21.82 3.18
N LYS B 101 -20.81 20.53 2.89
CA LYS B 101 -21.58 19.45 3.47
C LYS B 101 -21.59 19.42 4.97
N HIS B 102 -20.49 19.60 5.68
CA HIS B 102 -20.42 19.53 7.14
C HIS B 102 -20.43 20.85 7.91
N GLY B 103 -20.34 21.89 7.12
CA GLY B 103 -20.29 23.30 7.50
C GLY B 103 -19.22 23.61 8.54
N VAL B 104 -17.98 23.25 8.20
CA VAL B 104 -16.84 23.46 9.12
C VAL B 104 -16.09 24.60 8.44
N THR B 105 -15.08 25.16 9.08
CA THR B 105 -14.39 26.23 8.35
C THR B 105 -13.39 25.57 7.41
N PRO B 106 -13.10 26.20 6.30
CA PRO B 106 -12.07 25.69 5.41
C PRO B 106 -10.75 25.52 6.15
N GLY B 107 -10.24 26.41 7.02
CA GLY B 107 -8.93 26.27 7.62
C GLY B 107 -8.96 25.06 8.53
N ASP B 108 -10.00 24.90 9.33
CA ASP B 108 -10.13 23.74 10.21
C ASP B 108 -10.18 22.42 9.41
N PHE B 109 -10.90 22.40 8.32
CA PHE B 109 -10.99 21.24 7.41
C PHE B 109 -9.61 20.87 6.86
N ILE B 110 -8.86 21.81 6.31
CA ILE B 110 -7.53 21.55 5.81
C ILE B 110 -6.62 20.91 6.86
N ALA B 111 -6.59 21.42 8.10
CA ALA B 111 -5.71 20.81 9.07
C ALA B 111 -6.18 19.38 9.44
N PHE B 112 -7.49 19.22 9.50
CA PHE B 112 -8.13 17.94 9.86
C PHE B 112 -7.82 16.89 8.76
N ALA B 113 -8.08 17.18 7.51
CA ALA B 113 -7.76 16.34 6.37
C ALA B 113 -6.27 16.01 6.31
N GLY B 114 -5.34 16.96 6.52
CA GLY B 114 -3.96 16.61 6.44
C GLY B 114 -3.59 15.65 7.57
N ALA B 115 -4.04 15.72 8.77
CA ALA B 115 -3.69 14.91 9.91
C ALA B 115 -4.22 13.46 9.69
N VAL B 116 -5.45 13.40 9.25
CA VAL B 116 -6.13 12.12 8.93
C VAL B 116 -5.41 11.42 7.79
N GLY B 117 -5.12 12.02 6.67
CA GLY B 117 -4.40 11.65 5.50
C GLY B 117 -3.06 11.10 5.88
N VAL B 118 -2.24 11.71 6.71
CA VAL B 118 -0.95 11.23 7.13
C VAL B 118 -1.08 9.99 8.03
N SER B 119 -2.07 9.93 8.87
CA SER B 119 -2.24 8.80 9.77
C SER B 119 -2.59 7.52 9.00
N ASN B 120 -3.01 7.60 7.77
CA ASN B 120 -3.30 6.47 6.89
C ASN B 120 -2.04 5.79 6.36
N CYS B 121 -0.87 6.32 6.51
CA CYS B 121 0.42 5.95 6.00
C CYS B 121 1.20 5.21 7.05
N PRO B 122 1.49 3.93 6.80
CA PRO B 122 2.28 3.13 7.74
C PRO B 122 3.54 3.88 8.13
N GLY B 123 3.84 3.91 9.44
CA GLY B 123 5.06 4.61 9.87
C GLY B 123 4.78 6.03 10.45
N ALA B 124 3.58 6.53 10.23
CA ALA B 124 3.18 7.85 10.72
C ALA B 124 3.14 7.89 12.26
N PRO B 125 3.44 9.10 12.80
CA PRO B 125 3.28 9.39 14.21
C PRO B 125 1.80 9.55 14.55
N GLN B 126 1.47 9.61 15.83
CA GLN B 126 0.08 9.89 16.20
C GLN B 126 -0.12 11.41 15.88
N MET B 127 -1.00 11.84 15.03
CA MET B 127 -1.20 13.18 14.55
C MET B 127 -2.16 13.99 15.44
N GLN B 128 -1.89 15.26 15.64
CA GLN B 128 -2.75 16.10 16.50
C GLN B 128 -3.70 16.95 15.67
N PHE B 129 -4.71 17.48 16.36
CA PHE B 129 -5.68 18.33 15.69
C PHE B 129 -6.20 19.36 16.72
N PHE B 130 -5.83 20.62 16.51
CA PHE B 130 -6.29 21.78 17.31
C PHE B 130 -7.35 22.47 16.45
N LEU B 131 -8.48 22.76 17.04
CA LEU B 131 -9.64 23.31 16.38
C LEU B 131 -9.85 24.83 16.65
N GLY B 132 -10.11 25.59 15.61
CA GLY B 132 -10.37 27.03 15.77
C GLY B 132 -9.67 27.98 14.83
N ARG B 133 -10.05 28.00 13.57
CA ARG B 133 -9.54 28.76 12.46
C ARG B 133 -10.74 29.32 11.67
N PRO B 134 -11.09 30.57 12.04
CA PRO B 134 -12.15 31.32 11.40
C PRO B 134 -11.78 31.57 9.96
N GLU B 135 -12.85 31.77 9.23
CA GLU B 135 -12.68 32.02 7.79
C GLU B 135 -11.75 33.16 7.51
N ALA B 136 -11.01 33.12 6.43
CA ALA B 136 -10.10 34.13 5.97
C ALA B 136 -10.95 35.32 5.51
N THR B 137 -10.30 36.46 5.64
CA THR B 137 -10.78 37.80 5.31
C THR B 137 -10.09 38.30 4.06
N GLN B 138 -8.87 37.82 3.85
CA GLN B 138 -8.12 38.16 2.65
C GLN B 138 -7.20 37.03 2.16
N ALA B 139 -7.00 37.13 0.85
CA ALA B 139 -6.10 36.23 0.14
C ALA B 139 -4.66 36.58 0.51
N ALA B 140 -3.85 35.52 0.62
CA ALA B 140 -2.44 35.78 0.97
C ALA B 140 -1.83 36.36 -0.30
N PRO B 141 -0.82 37.19 -0.20
CA PRO B 141 -0.08 37.62 -1.37
C PRO B 141 0.76 36.44 -1.94
N ASP B 142 1.37 36.56 -3.10
CA ASP B 142 2.21 35.56 -3.74
C ASP B 142 3.59 35.78 -3.26
N GLY B 143 4.64 35.11 -3.57
CA GLY B 143 5.97 35.20 -3.07
C GLY B 143 6.11 34.52 -1.72
N LEU B 144 5.13 33.80 -1.20
CA LEU B 144 5.23 33.21 0.13
C LEU B 144 5.44 31.70 0.18
N VAL B 145 5.18 30.93 -0.86
CA VAL B 145 5.44 29.48 -0.79
C VAL B 145 6.71 29.18 -1.53
N PRO B 146 7.65 28.46 -0.96
CA PRO B 146 8.91 28.15 -1.62
C PRO B 146 8.74 27.38 -2.93
N GLU B 147 9.67 27.54 -3.84
CA GLU B 147 9.80 26.92 -5.13
C GLU B 147 11.06 26.05 -5.12
N PRO B 148 11.08 25.02 -5.99
CA PRO B 148 12.18 24.04 -6.04
C PRO B 148 13.42 24.62 -6.67
N PHE B 149 13.26 25.74 -7.37
CA PHE B 149 14.47 26.38 -7.93
C PHE B 149 15.03 27.50 -7.06
N HIS B 150 14.43 27.78 -5.91
CA HIS B 150 14.93 28.75 -4.96
C HIS B 150 16.18 28.19 -4.31
N THR B 151 17.07 29.03 -3.86
CA THR B 151 18.28 28.67 -3.17
C THR B 151 17.99 28.28 -1.73
N ILE B 152 18.92 27.54 -1.14
CA ILE B 152 18.78 27.16 0.26
C ILE B 152 18.60 28.42 1.11
N ASP B 153 19.39 29.47 0.87
CA ASP B 153 19.33 30.72 1.68
C ASP B 153 17.96 31.36 1.69
N GLN B 154 17.41 31.39 0.49
CA GLN B 154 16.07 31.91 0.31
C GLN B 154 14.99 31.11 0.97
N VAL B 155 15.09 29.79 0.98
CA VAL B 155 14.07 28.93 1.58
C VAL B 155 14.19 29.10 3.07
N LEU B 156 15.41 29.12 3.55
CA LEU B 156 15.61 29.20 4.99
C LEU B 156 15.06 30.52 5.54
N ALA B 157 15.25 31.60 4.77
CA ALA B 157 14.77 32.91 5.24
C ALA B 157 13.27 32.95 5.34
N ARG B 158 12.67 32.41 4.30
CA ARG B 158 11.23 32.28 4.19
C ARG B 158 10.64 31.51 5.36
N MET B 159 11.26 30.39 5.72
CA MET B 159 10.70 29.57 6.80
C MET B 159 10.87 30.25 8.14
N LEU B 160 11.99 30.92 8.32
CA LEU B 160 12.30 31.62 9.59
C LEU B 160 11.33 32.81 9.74
N ASP B 161 11.07 33.56 8.67
CA ASP B 161 10.09 34.63 8.74
C ASP B 161 8.73 34.09 9.10
N ALA B 162 8.22 33.11 8.36
CA ALA B 162 6.88 32.54 8.50
C ALA B 162 6.50 31.99 9.84
N GLY B 163 7.35 31.20 10.46
CA GLY B 163 6.99 30.57 11.72
C GLY B 163 8.15 30.41 12.66
N GLY B 164 9.26 31.02 12.34
CA GLY B 164 10.39 30.89 13.22
C GLY B 164 11.13 29.56 13.16
N PHE B 165 11.00 28.86 12.05
CA PHE B 165 11.63 27.53 11.84
C PHE B 165 13.07 27.80 11.39
N ASP B 166 13.97 27.20 12.13
CA ASP B 166 15.41 27.26 11.81
C ASP B 166 15.70 26.22 10.72
N GLU B 167 16.95 25.94 10.50
CA GLU B 167 17.36 25.00 9.47
C GLU B 167 17.07 23.53 9.87
N ILE B 168 17.13 23.25 11.15
CA ILE B 168 16.89 21.96 11.76
C ILE B 168 15.42 21.61 11.55
N GLU B 169 14.55 22.50 12.01
CA GLU B 169 13.11 22.40 11.89
C GLU B 169 12.70 22.35 10.45
N THR B 170 13.37 23.02 9.55
CA THR B 170 13.07 22.98 8.13
C THR B 170 13.32 21.53 7.61
N VAL B 171 14.40 20.89 7.98
CA VAL B 171 14.71 19.52 7.59
C VAL B 171 13.55 18.66 8.09
N LEU B 173 10.30 19.40 8.55
CA LEU B 173 9.11 19.62 7.73
C LEU B 173 9.26 18.91 6.39
N LEU B 174 10.43 18.86 5.82
CA LEU B 174 10.67 18.16 4.53
C LEU B 174 10.49 16.62 4.61
N SER B 175 10.32 15.99 5.77
CA SER B 175 9.96 14.59 5.97
C SER B 175 8.68 14.30 5.18
N ALA B 176 7.78 15.28 5.01
CA ALA B 176 6.57 15.20 4.26
C ALA B 176 6.88 14.73 2.81
N HIS B 177 8.06 14.96 2.27
CA HIS B 177 8.35 14.47 0.92
C HIS B 177 8.55 12.90 0.86
N SER B 178 8.51 12.21 1.97
CA SER B 178 8.52 10.75 2.09
C SER B 178 7.15 10.22 1.65
N ILE B 179 6.10 11.00 1.58
CA ILE B 179 4.77 10.59 1.17
C ILE B 179 4.21 11.55 0.13
N ALA B 180 4.86 11.56 -1.03
CA ALA B 180 4.59 12.54 -2.06
C ALA B 180 5.09 12.24 -3.44
N ALA B 181 4.40 12.86 -4.41
CA ALA B 181 4.73 12.74 -5.85
C ALA B 181 4.53 14.13 -6.52
N ALA B 182 5.20 14.28 -7.66
CA ALA B 182 5.09 15.46 -8.48
C ALA B 182 4.13 15.24 -9.66
N ASN B 183 3.00 15.94 -9.61
CA ASN B 183 2.07 15.77 -10.70
C ASN B 183 2.28 16.76 -11.83
N ASP B 184 2.97 17.82 -11.51
CA ASP B 184 3.02 18.95 -12.45
C ASP B 184 4.35 19.55 -12.74
N VAL B 185 5.42 18.91 -12.32
CA VAL B 185 6.73 19.47 -12.57
C VAL B 185 7.17 18.93 -13.93
N ASP B 186 7.01 17.65 -14.24
CA ASP B 186 7.44 17.21 -15.59
C ASP B 186 6.14 17.20 -16.36
N PRO B 187 6.10 17.94 -17.48
CA PRO B 187 4.90 18.04 -18.30
C PRO B 187 4.57 16.75 -19.06
N THR B 188 5.57 15.90 -19.21
CA THR B 188 5.49 14.64 -19.90
C THR B 188 4.88 13.55 -19.03
N ILE B 189 5.17 13.54 -17.73
CA ILE B 189 4.62 12.51 -16.85
C ILE B 189 4.18 12.98 -15.47
N SER B 190 2.98 12.65 -15.05
CA SER B 190 2.52 13.02 -13.72
C SER B 190 2.67 11.87 -12.73
N GLY B 191 2.77 12.07 -11.43
CA GLY B 191 2.83 11.07 -10.39
C GLY B 191 4.17 10.51 -10.10
N LEU B 192 5.26 11.19 -10.28
CA LEU B 192 6.61 10.74 -10.02
C LEU B 192 6.94 10.97 -8.54
N PRO B 193 7.09 9.89 -7.75
CA PRO B 193 7.39 10.01 -6.35
C PRO B 193 8.76 10.59 -6.12
N PHE B 194 8.96 11.12 -4.89
CA PHE B 194 10.23 11.66 -4.40
C PHE B 194 11.00 10.60 -3.62
N ASP B 195 10.29 9.53 -3.21
CA ASP B 195 11.03 8.38 -2.64
C ASP B 195 10.46 7.05 -3.20
N SER B 196 11.08 5.89 -2.96
CA SER B 196 10.54 4.66 -3.62
C SER B 196 9.41 4.09 -2.83
N THR B 197 9.00 4.70 -1.70
CA THR B 197 7.91 4.35 -0.87
C THR B 197 6.93 5.48 -0.60
N PRO B 198 6.26 6.00 -1.60
CA PRO B 198 5.26 7.05 -1.38
C PRO B 198 4.10 6.72 -0.51
N GLY B 199 3.86 5.41 -0.20
CA GLY B 199 2.76 5.04 0.69
C GLY B 199 3.26 4.72 2.09
N GLN B 200 4.50 5.03 2.43
CA GLN B 200 4.98 4.80 3.78
C GLN B 200 5.74 6.03 4.34
N PHE B 201 5.39 6.37 5.57
CA PHE B 201 6.01 7.55 6.24
C PHE B 201 7.27 6.95 6.83
N ASP B 202 8.38 6.96 6.10
CA ASP B 202 9.66 6.33 6.43
C ASP B 202 10.83 7.23 6.03
N SER B 203 12.06 6.77 6.21
CA SER B 203 13.27 7.50 5.89
C SER B 203 13.82 7.25 4.52
N GLN B 204 13.17 6.54 3.60
CA GLN B 204 13.72 6.32 2.28
C GLN B 204 13.99 7.62 1.57
N PHE B 205 13.17 8.64 1.78
CA PHE B 205 13.45 9.95 1.14
C PHE B 205 14.85 10.46 1.51
N PHE B 206 15.22 10.30 2.78
CA PHE B 206 16.52 10.72 3.32
C PHE B 206 17.68 9.87 2.82
N VAL B 207 17.41 8.58 2.59
CA VAL B 207 18.38 7.66 1.98
C VAL B 207 18.57 8.05 0.52
N GLU B 208 17.49 8.09 -0.26
CA GLU B 208 17.51 8.21 -1.72
C GLU B 208 18.02 9.50 -2.28
N THR B 209 17.68 10.61 -1.56
CA THR B 209 18.18 11.95 -2.02
C THR B 209 19.69 11.99 -1.83
N GLN B 210 20.33 11.16 -1.01
CA GLN B 210 21.77 11.12 -0.79
C GLN B 210 22.55 10.29 -1.81
N LEU B 211 21.84 9.52 -2.64
CA LEU B 211 22.51 8.68 -3.63
C LEU B 211 22.96 9.58 -4.77
N ARG B 212 24.00 9.18 -5.46
CA ARG B 212 24.39 9.97 -6.62
C ARG B 212 23.27 9.98 -7.64
N GLY B 213 22.95 11.11 -8.25
CA GLY B 213 21.88 11.18 -9.26
C GLY B 213 22.44 10.72 -10.60
N THR B 214 21.68 9.92 -11.31
CA THR B 214 22.12 9.33 -12.58
C THR B 214 21.28 9.62 -13.78
N ALA B 215 20.01 9.93 -13.68
CA ALA B 215 19.23 10.28 -14.84
C ALA B 215 18.01 11.10 -14.42
N PHE B 216 17.54 11.80 -15.43
CA PHE B 216 16.29 12.54 -15.27
C PHE B 216 15.23 11.47 -15.54
N PRO B 217 14.16 11.46 -14.79
CA PRO B 217 13.08 10.53 -15.02
C PRO B 217 12.16 10.77 -16.22
N GLY B 218 12.09 11.93 -16.81
CA GLY B 218 11.16 12.23 -17.91
C GLY B 218 11.96 13.19 -18.81
N LYS B 219 11.40 14.39 -18.93
CA LYS B 219 12.10 15.41 -19.71
C LYS B 219 13.34 15.81 -18.96
N THR B 220 14.38 16.03 -19.71
CA THR B 220 15.71 16.44 -19.24
C THR B 220 15.69 17.95 -18.92
N GLY B 221 16.54 18.29 -17.96
CA GLY B 221 16.78 19.61 -17.45
C GLY B 221 15.58 20.46 -17.01
N ILE B 222 14.49 19.85 -16.59
CA ILE B 222 13.37 20.65 -16.07
C ILE B 222 13.87 21.45 -14.85
N GLN B 223 13.51 22.73 -14.82
CA GLN B 223 13.83 23.76 -13.86
C GLN B 223 13.36 23.42 -12.44
N GLY B 224 14.28 23.44 -11.50
CA GLY B 224 13.90 23.09 -10.12
C GLY B 224 14.04 21.60 -9.84
N THR B 225 14.56 20.85 -10.78
CA THR B 225 14.89 19.44 -10.70
C THR B 225 16.32 19.14 -11.13
N VAL B 226 16.83 18.03 -10.59
CA VAL B 226 18.14 17.46 -10.89
C VAL B 226 17.96 15.96 -11.25
N MET B 227 19.08 15.31 -11.61
CA MET B 227 19.04 13.88 -11.98
C MET B 227 18.76 13.08 -10.72
N SER B 228 17.90 12.11 -10.82
CA SER B 228 17.62 11.25 -9.65
C SER B 228 18.36 9.94 -9.81
N PRO B 229 18.43 9.14 -8.75
CA PRO B 229 19.14 7.86 -8.79
C PRO B 229 18.36 6.66 -9.33
N LEU B 230 17.07 6.73 -9.52
CA LEU B 230 16.21 5.64 -9.90
C LEU B 230 15.22 6.00 -10.98
N LYS B 231 14.98 5.13 -11.94
CA LYS B 231 13.94 5.34 -12.92
C LYS B 231 12.62 5.50 -12.16
N GLY B 232 11.84 6.47 -12.59
CA GLY B 232 10.53 6.79 -12.07
C GLY B 232 10.52 7.73 -10.86
N GLU B 233 11.67 8.08 -10.33
CA GLU B 233 11.70 8.98 -9.16
C GLU B 233 12.18 10.39 -9.57
N MET B 234 11.46 11.39 -9.09
CA MET B 234 11.88 12.78 -9.32
C MET B 234 12.77 13.24 -8.16
N ARG B 235 13.79 14.04 -8.44
CA ARG B 235 14.59 14.66 -7.37
C ARG B 235 14.49 16.21 -7.55
N LEU B 236 13.90 16.88 -6.56
CA LEU B 236 13.77 18.35 -6.59
C LEU B 236 15.12 18.99 -6.31
N GLN B 237 15.41 20.13 -6.96
CA GLN B 237 16.71 20.73 -6.67
C GLN B 237 16.84 21.19 -5.24
N THR B 238 15.80 21.70 -4.57
CA THR B 238 15.93 22.08 -3.16
C THR B 238 16.27 20.86 -2.33
N ASP B 239 15.61 19.69 -2.58
CA ASP B 239 15.86 18.45 -1.79
C ASP B 239 17.29 17.99 -1.95
N HIS B 240 17.78 18.04 -3.17
CA HIS B 240 19.18 17.72 -3.47
C HIS B 240 20.18 18.55 -2.66
N LEU B 241 19.98 19.89 -2.65
CA LEU B 241 20.83 20.86 -1.95
C LEU B 241 20.75 20.75 -0.47
N PHE B 242 19.59 20.42 0.09
CA PHE B 242 19.47 20.26 1.53
C PHE B 242 20.24 19.06 2.01
N ALA B 243 20.24 18.00 1.19
CA ALA B 243 20.96 16.79 1.62
C ALA B 243 22.47 16.97 1.69
N ARG B 244 22.94 17.97 0.94
CA ARG B 244 24.37 18.26 0.85
C ARG B 244 24.85 19.54 1.51
N ASP B 245 23.98 20.44 2.00
CA ASP B 245 24.39 21.73 2.59
C ASP B 245 24.98 21.48 3.92
N SER B 246 26.09 22.15 4.26
CA SER B 246 26.72 21.99 5.58
C SER B 246 25.84 22.25 6.77
N ARG B 247 24.86 23.14 6.63
CA ARG B 247 23.96 23.48 7.72
C ARG B 247 22.98 22.34 8.03
N THR B 248 22.47 21.74 6.97
CA THR B 248 21.43 20.69 7.02
C THR B 248 21.80 19.23 6.79
N ALA B 249 22.88 18.84 6.13
CA ALA B 249 23.32 17.48 5.81
C ALA B 249 23.29 16.47 6.94
N CYS B 250 23.84 16.78 8.10
CA CYS B 250 23.82 15.89 9.24
C CYS B 250 22.41 15.72 9.79
N GLU B 251 21.54 16.72 9.77
CA GLU B 251 20.19 16.57 10.33
C GLU B 251 19.42 15.66 9.36
N TRP B 252 19.63 15.88 8.09
CA TRP B 252 19.06 15.08 6.98
C TRP B 252 19.41 13.60 7.19
N GLN B 253 20.67 13.26 7.43
CA GLN B 253 21.20 11.92 7.67
C GLN B 253 20.79 11.31 8.98
N SER B 254 20.46 12.13 10.00
CA SER B 254 20.05 11.61 11.29
C SER B 254 18.75 10.81 11.17
N PHE B 255 17.98 10.98 10.11
CA PHE B 255 16.72 10.21 10.04
C PHE B 255 16.91 8.81 9.42
N VAL B 256 18.03 8.63 8.74
CA VAL B 256 18.35 7.33 8.13
C VAL B 256 18.44 6.36 9.30
N ASN B 257 17.57 5.37 9.24
CA ASN B 257 17.48 4.37 10.26
C ASN B 257 17.04 4.87 11.61
N ASN B 258 16.22 5.90 11.71
CA ASN B 258 15.74 6.38 13.00
C ASN B 258 14.28 6.78 12.80
N GLN B 259 13.42 5.75 12.73
CA GLN B 259 12.01 5.87 12.50
C GLN B 259 11.42 6.68 13.66
N THR B 260 11.88 6.46 14.87
CA THR B 260 11.41 7.12 16.08
C THR B 260 11.67 8.65 16.10
N LYS B 261 12.85 9.02 15.69
CA LYS B 261 13.21 10.43 15.59
C LYS B 261 12.34 11.06 14.50
N LEU B 262 12.24 10.37 13.37
CA LEU B 262 11.39 10.76 12.25
C LEU B 262 9.99 11.05 12.75
N GLN B 263 9.33 10.22 13.52
CA GLN B 263 8.00 10.36 13.99
C GLN B 263 7.80 11.49 15.02
N GLU B 264 8.69 11.52 16.01
CA GLU B 264 8.61 12.53 17.07
C GLU B 264 8.75 13.97 16.57
N ASP B 265 9.76 14.14 15.75
CA ASP B 265 10.01 15.46 15.14
C ASP B 265 8.86 15.94 14.27
N PHE B 266 8.34 15.04 13.42
CA PHE B 266 7.26 15.39 12.52
C PHE B 266 6.00 15.61 13.31
N GLN B 267 5.72 14.85 14.31
CA GLN B 267 4.49 15.10 15.08
C GLN B 267 4.47 16.58 15.58
N PHE B 268 5.60 16.99 16.11
CA PHE B 268 5.78 18.31 16.71
C PHE B 268 5.68 19.43 15.69
N ILE B 269 6.47 19.36 14.67
CA ILE B 269 6.51 20.38 13.64
C ILE B 269 5.24 20.49 12.86
N PHE B 270 4.49 19.40 12.64
CA PHE B 270 3.25 19.44 11.91
C PHE B 270 2.28 20.29 12.75
N THR B 271 2.23 20.10 14.04
CA THR B 271 1.35 20.90 14.93
C THR B 271 1.71 22.38 14.88
N ALA B 272 3.00 22.67 14.90
CA ALA B 272 3.57 24.02 14.76
C ALA B 272 3.11 24.63 13.43
N LEU B 273 3.34 23.94 12.29
CA LEU B 273 2.88 24.49 11.01
C LEU B 273 1.41 24.79 10.92
N SER B 274 0.51 23.92 11.40
CA SER B 274 -0.93 23.97 11.25
C SER B 274 -1.69 25.01 12.05
N THR B 275 -0.99 25.55 13.03
CA THR B 275 -1.53 26.60 13.89
C THR B 275 -0.87 27.94 13.57
N LEU B 276 -0.07 28.20 12.59
CA LEU B 276 0.53 29.47 12.23
C LEU B 276 -0.62 30.48 12.06
N GLY B 277 -0.47 31.66 12.72
CA GLY B 277 -1.45 32.74 12.65
C GLY B 277 -2.50 32.70 13.73
N HIS B 278 -2.39 31.82 14.72
CA HIS B 278 -3.31 31.60 15.80
C HIS B 278 -2.58 31.27 17.11
N ASP B 279 -3.37 31.40 18.15
CA ASP B 279 -2.84 31.14 19.50
C ASP B 279 -3.33 29.74 19.83
N MET B 280 -2.40 28.83 19.91
CA MET B 280 -2.75 27.42 20.20
C MET B 280 -3.53 27.27 21.50
N ASN B 281 -3.26 28.18 22.44
CA ASN B 281 -3.89 28.29 23.73
C ASN B 281 -5.34 28.62 23.61
N ALA B 282 -5.78 29.43 22.69
CA ALA B 282 -7.18 29.74 22.46
C ALA B 282 -7.84 28.65 21.60
N MET B 283 -7.10 27.63 21.16
CA MET B 283 -7.68 26.55 20.30
C MET B 283 -8.08 25.32 21.15
N ILE B 284 -9.09 24.56 20.71
CA ILE B 284 -9.52 23.34 21.40
C ILE B 284 -8.73 22.12 20.88
N ASP B 285 -8.21 21.34 21.80
CA ASP B 285 -7.46 20.12 21.43
C ASP B 285 -8.47 19.03 21.07
N CYS B 286 -8.57 18.67 19.81
CA CYS B 286 -9.51 17.63 19.35
C CYS B 286 -8.74 16.41 18.76
N SER B 287 -7.52 16.21 19.25
CA SER B 287 -6.59 15.16 18.80
C SER B 287 -7.17 13.74 18.97
N GLU B 288 -8.05 13.57 19.94
CA GLU B 288 -8.72 12.31 20.21
C GLU B 288 -9.60 11.94 19.01
N VAL B 289 -10.00 12.75 18.07
CA VAL B 289 -10.77 12.40 16.91
C VAL B 289 -9.89 11.68 15.85
N ILE B 290 -8.60 12.01 15.87
CA ILE B 290 -7.67 11.46 14.88
C ILE B 290 -7.35 10.00 15.18
N PRO B 291 -7.57 9.17 14.15
CA PRO B 291 -7.29 7.73 14.34
C PRO B 291 -5.85 7.40 14.68
N ALA B 292 -5.60 6.27 15.36
CA ALA B 292 -4.22 5.83 15.60
C ALA B 292 -3.64 5.56 14.22
N PRO B 293 -2.37 5.86 14.03
CA PRO B 293 -1.71 5.74 12.72
C PRO B 293 -1.53 4.25 12.38
N LYS B 294 -1.55 4.00 11.09
CA LYS B 294 -1.27 2.65 10.57
C LYS B 294 0.12 2.26 11.09
N PRO B 295 0.22 1.01 11.57
CA PRO B 295 1.45 0.55 12.14
C PRO B 295 2.58 0.38 11.16
N VAL B 296 3.83 0.41 11.62
CA VAL B 296 5.04 0.10 10.87
C VAL B 296 4.94 -1.43 10.50
N ASN B 297 5.18 -1.64 9.22
CA ASN B 297 5.17 -3.02 8.67
C ASN B 297 6.26 -3.11 7.64
N PHE B 298 7.38 -2.50 8.01
CA PHE B 298 8.55 -2.39 7.17
C PHE B 298 9.78 -2.49 8.08
N GLY B 299 10.93 -2.92 7.60
CA GLY B 299 12.14 -3.06 8.39
C GLY B 299 12.97 -1.79 8.33
N PRO B 300 14.21 -1.81 8.72
CA PRO B 300 15.15 -0.68 8.73
C PRO B 300 15.33 0.04 7.42
N SER B 301 15.93 1.23 7.29
CA SER B 301 16.18 1.87 6.01
C SER B 301 17.04 0.96 5.13
N PHE B 302 16.90 0.98 3.83
CA PHE B 302 17.65 0.07 2.97
C PHE B 302 18.13 0.84 1.78
N PHE B 303 19.08 0.25 1.04
CA PHE B 303 19.48 0.82 -0.24
C PHE B 303 18.57 0.14 -1.27
N PRO B 304 17.94 0.87 -2.16
CA PRO B 304 17.17 0.25 -3.22
C PRO B 304 18.03 -0.78 -4.01
N ALA B 305 17.31 -1.74 -4.61
CA ALA B 305 18.04 -2.77 -5.40
C ALA B 305 18.93 -2.10 -6.41
N GLY B 306 20.19 -2.52 -6.38
CA GLY B 306 21.16 -2.03 -7.37
C GLY B 306 22.09 -0.96 -6.82
N LYS B 307 21.85 -0.56 -5.56
CA LYS B 307 22.68 0.51 -4.99
C LYS B 307 23.35 -0.03 -3.74
N THR B 308 24.50 0.49 -3.45
CA THR B 308 25.29 0.14 -2.30
C THR B 308 25.82 1.44 -1.66
N HIS B 309 26.49 1.29 -0.55
CA HIS B 309 27.09 2.38 0.20
C HIS B 309 27.99 3.15 -0.73
N ALA B 310 28.54 2.52 -1.79
CA ALA B 310 29.40 3.17 -2.75
C ALA B 310 28.68 4.25 -3.53
N ASP B 311 27.37 4.26 -3.56
CA ASP B 311 26.60 5.19 -4.35
C ASP B 311 26.17 6.46 -3.60
N ILE B 312 26.45 6.41 -2.35
CA ILE B 312 26.07 7.53 -1.47
C ILE B 312 27.09 8.66 -1.60
N GLU B 313 26.59 9.87 -1.65
CA GLU B 313 27.39 11.11 -1.67
C GLU B 313 27.39 11.64 -0.22
N GLN B 314 28.37 11.31 0.58
CA GLN B 314 28.50 11.75 1.96
C GLN B 314 28.59 13.29 2.08
N ALA B 315 27.73 13.87 2.92
CA ALA B 315 27.65 15.31 3.15
C ALA B 315 27.88 15.57 4.63
N CYS B 316 27.40 14.78 5.55
CA CYS B 316 27.59 14.98 6.98
C CYS B 316 29.03 14.67 7.36
N ALA B 317 29.75 15.68 7.85
CA ALA B 317 31.17 15.46 8.15
C ALA B 317 31.45 14.76 9.45
N SER B 318 30.58 14.92 10.41
CA SER B 318 30.77 14.32 11.73
C SER B 318 30.34 12.87 11.82
N THR B 319 29.44 12.43 10.94
CA THR B 319 28.94 11.06 11.00
C THR B 319 28.83 10.55 9.58
N PRO B 320 29.48 9.42 9.38
CA PRO B 320 29.42 8.72 8.08
C PRO B 320 28.09 7.96 7.92
N PHE B 321 27.63 7.95 6.69
CA PHE B 321 26.37 7.32 6.30
C PHE B 321 26.46 5.85 6.63
N PRO B 322 25.49 5.34 7.38
CA PRO B 322 25.50 3.93 7.80
C PRO B 322 25.51 2.94 6.64
N THR B 323 26.05 1.75 6.89
CA THR B 323 26.06 0.75 5.79
C THR B 323 24.69 0.07 5.89
N LEU B 324 23.74 0.33 5.05
CA LEU B 324 22.42 -0.29 5.07
C LEU B 324 22.48 -1.59 4.21
N ILE B 325 21.43 -2.34 4.36
CA ILE B 325 21.22 -3.58 3.62
C ILE B 325 20.63 -3.24 2.26
N THR B 326 20.97 -3.89 1.15
CA THR B 326 20.44 -3.67 -0.18
C THR B 326 19.21 -4.55 -0.43
N ALA B 327 18.15 -4.03 -0.99
CA ALA B 327 16.86 -4.65 -1.23
C ALA B 327 17.08 -5.75 -2.29
N PRO B 328 16.21 -6.74 -2.24
CA PRO B 328 16.35 -7.81 -3.23
C PRO B 328 15.84 -7.45 -4.61
N GLY B 329 16.26 -8.29 -5.59
CA GLY B 329 15.75 -8.20 -6.95
C GLY B 329 16.59 -7.39 -7.89
N PRO B 330 16.01 -7.19 -9.07
CA PRO B 330 16.68 -6.39 -10.10
C PRO B 330 16.64 -4.88 -9.73
N SER B 331 17.51 -4.19 -10.44
CA SER B 331 17.68 -2.75 -10.29
C SER B 331 16.33 -2.07 -10.10
N ALA B 332 16.25 -1.35 -9.00
CA ALA B 332 15.01 -0.71 -8.61
C ALA B 332 14.50 0.30 -9.61
N SER B 333 13.20 0.24 -9.74
CA SER B 333 12.45 1.19 -10.53
C SER B 333 11.28 1.65 -9.65
N VAL B 334 10.77 2.87 -9.80
CA VAL B 334 9.69 3.39 -8.93
C VAL B 334 8.40 3.50 -9.70
N ALA B 335 7.29 2.92 -9.31
CA ALA B 335 6.02 3.01 -9.99
C ALA B 335 5.38 4.40 -9.68
N ARG B 336 4.74 5.01 -10.63
CA ARG B 336 4.05 6.28 -10.61
C ARG B 336 2.83 6.23 -9.72
N ILE B 337 2.37 7.36 -9.24
CA ILE B 337 1.12 7.40 -8.48
C ILE B 337 0.27 8.36 -9.33
N PRO B 338 -0.65 7.82 -10.09
CA PRO B 338 -1.51 8.67 -10.93
C PRO B 338 -2.38 9.60 -10.10
N PRO B 339 -2.47 10.84 -10.51
CA PRO B 339 -3.32 11.80 -9.79
C PRO B 339 -4.79 11.44 -9.90
N PRO B 340 -5.65 11.99 -9.06
CA PRO B 340 -7.10 11.75 -9.22
C PRO B 340 -7.59 12.47 -10.47
N PRO B 341 -8.61 11.97 -11.16
CA PRO B 341 -9.20 12.63 -12.35
C PRO B 341 -9.93 13.90 -11.88
N SER B 342 -9.70 14.91 -12.71
CA SER B 342 -10.08 16.31 -12.58
C SER B 342 -11.57 16.60 -12.69
N PRO B 343 -12.16 16.95 -11.53
CA PRO B 343 -13.58 17.28 -11.45
C PRO B 343 -13.94 18.63 -12.04
N ASN B 344 -13.35 18.97 -13.18
CA ASN B 344 -13.47 20.23 -13.91
C ASN B 344 -12.52 20.29 -15.13
#